data_4PJW
#
_entry.id   4PJW
#
_cell.length_a   78.733
_cell.length_b   108.045
_cell.length_c   180.835
_cell.angle_alpha   90.00
_cell.angle_beta   90.00
_cell.angle_gamma   90.00
#
_symmetry.space_group_name_H-M   'P 21 21 21'
#
loop_
_entity.id
_entity.type
_entity.pdbx_description
1 polymer 'Cohesin subunit SA-2'
2 polymer 'Double-strand-break repair protein rad21 homolog'
3 non-polymer '2-(N-MORPHOLINO)-ETHANESULFONIC ACID'
4 water water
#
loop_
_entity_poly.entity_id
_entity_poly.type
_entity_poly.pdbx_seq_one_letter_code
_entity_poly.pdbx_strand_id
1 'polypeptide(L)'
;EN(MSE)(MSE)LFEVVK(MSE)GKSA(MSE)QSVVDDWIESYKHDRDIALLDLINFFIQCSGCKGVVTAE(MSE)FRH
(MSE)QNSEIIRK(MSE)TEEFDEDSGDYPLT(MSE)AGPQWKKFKSSFCEFIGVLVRQCQYSIIYDEY(MSE)(MSE)D
TVISLLTGLSDSQVRAFRHTSTLAA(MSE)KL(MSE)TALVNVALNLSIN(MSE)DNTQRQYEAERNK(MSE)IGKRANE
RLELLLQKRKELQENQDEIEN(MSE)(MSE)NAIFKGVFVHRYRDAIAEIRAICIEEIGIW(MSE)K(MSE)YSDAFLND
SYLKYVGWT(MSE)HDKQGEVRLKCLTALQGLYYNKELNSKLELFTSRFKDRIVS(MSE)TLDKEYDVAVQAIKLLTLVL
QSSEEVLTAEDCENVYHLVYSAHRPVAVAAGEFLYKKLFSRRDPEEDG(MSE)(MSE)KRRGRQGPNANLVKTLVFFFLE
SELHEHAAYLVDS(MSE)WDCATELLKDWEC(MSE)NSLLLEEPLSGEEALTDRQESALIEI(MSE)LCTIRQAAECHPP
VGRGTGKRVLTAKEKKTQLDDRTKITELFAVALPQLLAKYSVDAEKVTNLLQLPQYFDLEIYTTGRLEKHLDALLRQIRN
IVEKHTDTDVLEACSKTYHALCNEEFTIFNRVDISRSQLIDELADKFNRLLEDFLQEGEEPDEDDAYQVLSTLKRITAFH
NAHDLSKWDLFACNYKLLKTGIENGD(MSE)PEQIVIHALQCTHYVILWQLAKITESSSTKEDLLRLKKQ(MSE)RVFCQ
ICQHYLTNVNTTVKEQAFTILCDIL(MSE)IFSHQI(MSE)SGGRD(MSE)LEPLVYTPDSSLQSELLSFILDHVFIEQD
DDNNSADGQQEDEASKIEALHKRRNLLAAFCKLIVYTVVE(MSE)NTAADIFKQY(MSE)KYYNDYGDIIKET(MSE)SK
TRQIDKIQCAKTLILSLQQLFNE(MSE)IQENGYNFDRSSSTFSGIKELARRFALTFGLDQLKTREAIA(MSE)LHKDGI
EFAFKEPNPQGESHPPLNLAFLDILSEFSSKLLRQDKRTVYVYLEKF(MSE)TFQ(MSE)SLRREDVWLPL(MSE)SYRN
SLLAGGDDDT(MSE)SVI
;
A
2 'polypeptide(L)'
;VDPVEP(MSE)PT(MSE)TDQTTLVPNEEEAFALEPIDITVKETKAKRKRKLIVDSVKELDSKTIRAQLSDYSDIVTTLD
LAPPTKKL(MSE)(MSE)WKETGGVEKLFSLPAQPLWNNRLLKLFTRCLTPLVPEDLRKRRKGGEADNLDEFLKEF
;
B
#
loop_
_chem_comp.id
_chem_comp.type
_chem_comp.name
_chem_comp.formula
MES non-polymer '2-(N-MORPHOLINO)-ETHANESULFONIC ACID' 'C6 H13 N O4 S'
#
# COMPACT_ATOMS: atom_id res chain seq x y z
N MSE A 4 -6.77 -18.64 46.31
CA MSE A 4 -7.52 -17.84 45.35
C MSE A 4 -6.59 -17.16 44.36
O MSE A 4 -7.01 -16.27 43.62
CB MSE A 4 -8.34 -16.78 46.10
CG MSE A 4 -9.52 -16.20 45.31
SE MSE A 4 -10.19 -14.53 46.07
CE MSE A 4 -11.17 -13.87 44.52
HA MSE A 4 -8.15 -18.41 44.88
HB2 MSE A 4 -8.71 -17.18 46.90
HB3 MSE A 4 -7.76 -16.04 46.33
HG2 MSE A 4 -9.22 -16.02 44.40
HG3 MSE A 4 -10.24 -16.84 45.30
HE1 MSE A 4 -11.58 -13.02 44.74
HE2 MSE A 4 -10.55 -13.76 43.77
HE3 MSE A 4 -11.85 -14.51 44.28
N LEU A 5 -5.33 -17.60 44.33
CA LEU A 5 -4.28 -16.88 43.59
C LEU A 5 -4.65 -16.47 42.16
N PHE A 6 -5.02 -17.42 41.31
CA PHE A 6 -5.33 -17.11 39.92
C PHE A 6 -6.28 -15.93 39.79
N GLU A 7 -7.36 -15.98 40.56
CA GLU A 7 -8.40 -14.96 40.49
C GLU A 7 -7.91 -13.63 41.06
N VAL A 8 -7.05 -13.67 42.08
CA VAL A 8 -6.50 -12.43 42.64
C VAL A 8 -5.60 -11.70 41.64
N VAL A 9 -4.90 -12.47 40.81
CA VAL A 9 -3.94 -11.91 39.87
C VAL A 9 -4.63 -11.30 38.64
N LYS A 10 -5.81 -11.84 38.29
CA LYS A 10 -6.57 -11.30 37.17
C LYS A 10 -7.51 -10.18 37.63
N MSE A 11 -8.15 -10.40 38.78
CA MSE A 11 -9.18 -9.50 39.27
C MSE A 11 -8.61 -8.38 40.15
O MSE A 11 -9.02 -7.23 40.02
CB MSE A 11 -10.22 -10.29 40.06
CG MSE A 11 -10.87 -11.43 39.29
SE MSE A 11 -12.81 -11.45 39.50
CE MSE A 11 -12.90 -11.85 41.41
HA MSE A 11 -9.62 -9.10 38.52
HB2 MSE A 11 -9.80 -10.67 40.85
HB3 MSE A 11 -10.93 -9.68 40.34
HG2 MSE A 11 -10.52 -12.27 39.62
HG3 MSE A 11 -10.67 -11.32 38.35
HE1 MSE A 11 -13.83 -11.90 41.67
HE2 MSE A 11 -12.47 -12.70 41.57
HE3 MSE A 11 -12.45 -11.15 41.90
N GLY A 12 -7.68 -8.72 41.03
CA GLY A 12 -7.06 -7.76 41.92
C GLY A 12 -7.18 -6.32 41.51
N SER A 14 -4.96 -4.76 43.02
CA SER A 14 -4.03 -4.89 44.13
C SER A 14 -2.59 -5.13 43.67
N ALA A 15 -1.64 -4.53 44.40
CA ALA A 15 -0.23 -4.61 44.08
C ALA A 15 0.24 -6.06 44.01
N MSE A 16 1.27 -6.31 43.22
CA MSE A 16 1.79 -7.66 43.09
C MSE A 16 2.61 -8.02 44.33
O MSE A 16 2.48 -9.13 44.86
CB MSE A 16 2.65 -7.80 41.83
CG MSE A 16 2.38 -9.08 41.07
SE MSE A 16 0.59 -9.15 40.28
CE MSE A 16 -0.16 -10.64 41.28
H MSE A 16 1.68 -5.73 42.74
HA MSE A 16 1.05 -8.29 43.02
HB2 MSE A 16 2.44 -7.05 41.24
HB3 MSE A 16 3.58 -7.79 42.09
HG2 MSE A 16 3.03 -9.16 40.36
HG3 MSE A 16 2.47 -9.84 41.68
HE1 MSE A 16 -1.07 -10.79 40.98
HE2 MSE A 16 0.37 -11.43 41.12
HE3 MSE A 16 -0.15 -10.43 42.22
N GLN A 17 3.43 -7.10 44.80
CA GLN A 17 4.28 -7.35 45.96
C GLN A 17 3.44 -7.62 47.19
N SER A 18 2.21 -7.12 47.19
CA SER A 18 1.30 -7.34 48.30
C SER A 18 0.88 -8.81 48.42
N VAL A 19 0.55 -9.43 47.29
CA VAL A 19 0.13 -10.83 47.30
C VAL A 19 1.32 -11.78 47.36
N VAL A 20 2.47 -11.36 46.86
CA VAL A 20 3.69 -12.14 47.01
C VAL A 20 4.05 -12.21 48.49
N ASP A 21 4.01 -11.05 49.16
CA ASP A 21 4.32 -11.00 50.59
C ASP A 21 3.30 -11.79 51.38
N ASP A 22 2.04 -11.73 50.96
CA ASP A 22 1.00 -12.52 51.60
C ASP A 22 1.27 -14.00 51.40
N TRP A 23 1.80 -14.37 50.23
CA TRP A 23 2.11 -15.76 49.95
C TRP A 23 3.33 -16.21 50.76
N ILE A 24 4.36 -15.37 50.82
CA ILE A 24 5.55 -15.68 51.60
C ILE A 24 5.16 -15.84 53.06
N GLU A 25 4.22 -15.01 53.50
CA GLU A 25 3.67 -15.09 54.84
C GLU A 25 3.17 -16.50 55.14
N SER A 26 2.30 -17.00 54.26
CA SER A 26 1.70 -18.31 54.43
C SER A 26 2.69 -19.45 54.27
N TYR A 27 3.70 -19.26 53.42
CA TYR A 27 4.72 -20.28 53.21
C TYR A 27 5.51 -20.53 54.49
N LYS A 28 5.68 -19.48 55.29
CA LYS A 28 6.35 -19.61 56.58
C LYS A 28 5.47 -20.36 57.57
N HIS A 29 4.18 -20.03 57.58
CA HIS A 29 3.23 -20.72 58.44
C HIS A 29 3.18 -22.21 58.11
N ASP A 30 2.81 -22.53 56.87
CA ASP A 30 2.74 -23.90 56.41
C ASP A 30 3.19 -23.95 54.95
N ARG A 31 4.43 -24.40 54.75
CA ARG A 31 5.00 -24.58 53.41
C ARG A 31 4.04 -25.28 52.48
N ASP A 32 3.48 -26.40 52.96
CA ASP A 32 2.78 -27.34 52.10
C ASP A 32 1.45 -26.83 51.55
N ILE A 33 0.65 -26.16 52.37
CA ILE A 33 -0.60 -25.61 51.87
C ILE A 33 -0.30 -24.49 50.87
N ALA A 34 0.77 -23.75 51.12
CA ALA A 34 1.16 -22.62 50.29
C ALA A 34 1.72 -23.06 48.95
N LEU A 35 2.57 -24.08 48.95
CA LEU A 35 3.10 -24.59 47.69
C LEU A 35 1.98 -25.13 46.83
N LEU A 36 1.01 -25.81 47.45
CA LEU A 36 -0.12 -26.33 46.71
C LEU A 36 -0.89 -25.18 46.09
N ASP A 37 -1.04 -24.09 46.84
CA ASP A 37 -1.68 -22.89 46.31
C ASP A 37 -0.90 -22.34 45.13
N LEU A 38 0.41 -22.57 45.14
CA LEU A 38 1.28 -22.12 44.07
C LEU A 38 1.16 -23.04 42.84
N ILE A 39 1.17 -24.36 43.08
CA ILE A 39 0.96 -25.33 42.01
C ILE A 39 -0.28 -24.95 41.21
N ASN A 40 -1.41 -24.86 41.91
CA ASN A 40 -2.69 -24.59 41.28
C ASN A 40 -2.71 -23.31 40.47
N PHE A 41 -2.04 -22.28 40.98
CA PHE A 41 -1.95 -21.00 40.28
C PHE A 41 -1.42 -21.20 38.87
N PHE A 42 -0.30 -21.90 38.75
CA PHE A 42 0.32 -22.14 37.45
C PHE A 42 -0.59 -22.95 36.52
N ILE A 43 -1.27 -23.94 37.08
CA ILE A 43 -2.23 -24.72 36.30
C ILE A 43 -3.35 -23.82 35.80
N GLN A 44 -4.04 -23.17 36.74
CA GLN A 44 -5.23 -22.41 36.42
C GLN A 44 -4.95 -21.22 35.51
N CYS A 45 -3.71 -20.74 35.53
CA CYS A 45 -3.29 -19.69 34.61
C CYS A 45 -3.29 -20.18 33.16
N SER A 46 -3.28 -21.50 33.00
CA SER A 46 -3.27 -22.11 31.67
C SER A 46 -4.69 -22.33 31.14
N GLY A 47 -5.68 -21.83 31.87
CA GLY A 47 -7.07 -21.95 31.46
C GLY A 47 -7.74 -23.19 32.04
N CYS A 48 -6.94 -24.07 32.63
CA CYS A 48 -7.45 -25.29 33.23
C CYS A 48 -8.41 -24.97 34.36
N LYS A 49 -9.44 -25.80 34.50
CA LYS A 49 -10.47 -25.61 35.53
C LYS A 49 -10.41 -26.72 36.57
N GLY A 50 -9.44 -27.61 36.44
CA GLY A 50 -9.22 -28.63 37.45
C GLY A 50 -8.63 -28.03 38.71
N VAL A 51 -8.50 -28.87 39.75
CA VAL A 51 -7.82 -28.47 40.98
C VAL A 51 -6.95 -29.62 41.47
N VAL A 52 -5.71 -29.29 41.81
CA VAL A 52 -4.81 -30.24 42.44
C VAL A 52 -5.09 -30.20 43.94
N THR A 53 -5.37 -31.36 44.52
CA THR A 53 -5.74 -31.45 45.93
C THR A 53 -4.56 -31.89 46.77
N ALA A 54 -4.70 -31.76 48.09
CA ALA A 54 -3.64 -32.11 49.02
C ALA A 54 -3.24 -33.57 48.87
N GLU A 55 -4.22 -34.42 48.58
CA GLU A 55 -3.99 -35.85 48.47
C GLU A 55 -3.17 -36.14 47.23
N MSE A 56 -3.45 -35.42 46.15
CA MSE A 56 -2.68 -35.56 44.92
C MSE A 56 -1.26 -35.09 45.15
O MSE A 56 -0.30 -35.74 44.76
CB MSE A 56 -3.32 -34.75 43.79
CG MSE A 56 -4.70 -35.21 43.37
SE MSE A 56 -5.47 -34.05 42.01
CE MSE A 56 -4.16 -34.30 40.59
H MSE A 56 -4.10 -34.86 46.10
HA MSE A 56 -2.67 -36.50 44.65
HB2 MSE A 56 -3.39 -33.82 44.08
HB3 MSE A 56 -2.74 -34.80 43.01
HG2 MSE A 56 -4.65 -36.11 43.01
HG3 MSE A 56 -5.29 -35.20 44.15
HE1 MSE A 56 -4.43 -33.77 39.82
HE2 MSE A 56 -3.29 -34.02 40.90
HE3 MSE A 56 -4.13 -35.25 40.35
N PHE A 57 -1.14 -33.92 45.78
CA PHE A 57 0.15 -33.30 46.06
C PHE A 57 1.08 -34.27 46.79
N ARG A 58 0.59 -34.82 47.89
CA ARG A 58 1.38 -35.69 48.76
C ARG A 58 1.81 -37.00 48.11
N HIS A 59 1.06 -37.43 47.10
CA HIS A 59 1.17 -38.81 46.62
C HIS A 59 1.51 -38.97 45.14
N MSE A 60 0.86 -38.21 44.27
CA MSE A 60 1.08 -38.36 42.83
C MSE A 60 2.35 -37.63 42.40
O MSE A 60 2.68 -36.58 42.94
CB MSE A 60 -0.10 -37.81 42.03
CG MSE A 60 -1.47 -38.30 42.50
SE MSE A 60 -2.96 -37.67 41.42
CE MSE A 60 -2.59 -38.65 39.79
H MSE A 60 0.28 -37.61 44.48
HA MSE A 60 1.17 -39.30 42.62
HB2 MSE A 60 -0.10 -36.85 42.10
HB3 MSE A 60 0.00 -38.07 41.10
HG2 MSE A 60 -1.47 -39.27 42.48
HG3 MSE A 60 -1.61 -38.00 43.41
HE1 MSE A 60 -3.26 -38.43 39.13
HE2 MSE A 60 -1.71 -38.39 39.46
HE3 MSE A 60 -2.61 -39.60 39.98
N GLN A 61 3.04 -38.20 41.41
CA GLN A 61 4.12 -37.49 40.74
C GLN A 61 3.52 -36.53 39.71
N ASN A 62 4.34 -35.61 39.21
CA ASN A 62 3.86 -34.57 38.29
C ASN A 62 3.25 -35.15 37.02
N SER A 63 3.92 -36.14 36.43
CA SER A 63 3.43 -36.78 35.21
C SER A 63 1.99 -37.28 35.39
N GLU A 64 1.70 -37.76 36.58
CA GLU A 64 0.36 -38.27 36.90
C GLU A 64 -0.60 -37.12 37.20
N ILE A 65 -0.08 -36.06 37.84
CA ILE A 65 -0.91 -34.89 38.09
C ILE A 65 -1.31 -34.27 36.75
N ILE A 66 -0.33 -34.02 35.89
CA ILE A 66 -0.58 -33.34 34.63
C ILE A 66 -1.59 -34.12 33.78
N ARG A 67 -1.52 -35.43 33.81
CA ARG A 67 -2.49 -36.27 33.11
C ARG A 67 -3.90 -36.06 33.67
N LYS A 68 -4.02 -36.14 34.99
CA LYS A 68 -5.32 -35.96 35.66
C LYS A 68 -5.90 -34.57 35.37
N MSE A 69 -5.02 -33.59 35.18
CA MSE A 69 -5.45 -32.22 34.96
C MSE A 69 -5.78 -31.95 33.49
O MSE A 69 -6.53 -31.03 33.18
CB MSE A 69 -4.39 -31.24 35.48
CG MSE A 69 -4.15 -31.39 36.98
SE MSE A 69 -5.72 -30.99 38.07
CE MSE A 69 -5.60 -29.08 37.88
H MSE A 69 -4.17 -33.69 35.18
HA MSE A 69 -6.25 -32.06 35.49
HB2 MSE A 69 -3.55 -31.41 35.02
HB3 MSE A 69 -4.68 -30.34 35.32
HG2 MSE A 69 -3.89 -32.31 37.17
HG3 MSE A 69 -3.43 -30.79 37.25
HE1 MSE A 69 -6.33 -28.67 38.38
HE2 MSE A 69 -4.75 -28.78 38.24
HE3 MSE A 69 -5.67 -28.84 36.94
N THR A 70 -5.23 -32.76 32.60
CA THR A 70 -5.64 -32.73 31.21
C THR A 70 -7.06 -33.26 31.10
N GLU A 71 -7.34 -34.31 31.86
CA GLU A 71 -8.69 -34.89 31.88
C GLU A 71 -9.69 -33.91 32.44
N GLU A 72 -9.30 -33.20 33.49
CA GLU A 72 -10.22 -32.36 34.24
C GLU A 72 -10.21 -30.93 33.76
N PHE A 73 -9.51 -30.68 32.65
CA PHE A 73 -9.39 -29.33 32.10
C PHE A 73 -10.74 -28.64 31.95
N ASP A 74 -11.74 -29.38 31.47
CA ASP A 74 -13.12 -28.91 31.37
C ASP A 74 -13.25 -27.62 30.55
N GLU A 75 -12.72 -27.66 29.33
CA GLU A 75 -12.73 -26.50 28.43
C GLU A 75 -14.01 -26.43 27.62
N ASP A 76 -14.34 -25.23 27.16
CA ASP A 76 -15.44 -25.03 26.21
C ASP A 76 -14.87 -24.92 24.81
N SER A 77 -13.86 -24.08 24.67
CA SER A 77 -13.18 -23.86 23.39
C SER A 77 -11.72 -24.27 23.48
N GLY A 78 -10.94 -23.93 22.45
CA GLY A 78 -9.50 -24.15 22.46
C GLY A 78 -8.76 -22.92 22.96
N ASP A 79 -9.50 -22.04 23.62
CA ASP A 79 -8.92 -20.82 24.16
C ASP A 79 -8.23 -21.06 25.48
N TYR A 80 -7.17 -20.30 25.73
CA TYR A 80 -6.55 -20.26 27.05
C TYR A 80 -6.02 -18.86 27.29
N PRO A 81 -5.94 -18.44 28.56
CA PRO A 81 -5.66 -17.06 28.97
C PRO A 81 -4.58 -16.29 28.18
N LEU A 82 -3.52 -16.96 27.72
CA LEU A 82 -2.43 -16.26 27.04
C LEU A 82 -2.67 -16.02 25.54
N THR A 83 -3.87 -16.32 25.07
CA THR A 83 -4.18 -16.19 23.64
C THR A 83 -5.48 -15.42 23.41
N MSE A 84 -6.24 -15.22 24.48
CA MSE A 84 -7.44 -14.39 24.37
C MSE A 84 -7.04 -12.93 24.30
O MSE A 84 -6.11 -12.49 24.98
CB MSE A 84 -8.35 -14.64 25.56
CG MSE A 84 -8.71 -16.10 25.76
SE MSE A 84 -10.36 -16.33 26.76
CE MSE A 84 -9.81 -17.79 27.93
H MSE A 84 -6.10 -15.54 25.26
HA MSE A 84 -7.93 -14.63 23.56
HB2 MSE A 84 -7.92 -14.32 26.36
HB3 MSE A 84 -9.18 -14.14 25.43
HG2 MSE A 84 -8.82 -16.51 24.89
HG3 MSE A 84 -7.99 -16.54 26.24
HE1 MSE A 84 -9.56 -18.56 27.38
HE2 MSE A 84 -9.05 -17.51 28.47
HE3 MSE A 84 -10.56 -18.03 28.51
N ALA A 85 -7.75 -12.17 23.47
CA ALA A 85 -7.44 -10.76 23.26
C ALA A 85 -8.26 -9.85 24.17
N GLY A 86 -7.94 -8.56 24.13
CA GLY A 86 -8.59 -7.56 24.97
C GLY A 86 -7.63 -7.06 26.04
N PRO A 87 -7.93 -5.89 26.62
CA PRO A 87 -7.01 -5.33 27.63
C PRO A 87 -6.98 -6.11 28.95
N GLN A 88 -8.10 -6.69 29.37
CA GLN A 88 -8.15 -7.40 30.66
C GLN A 88 -7.30 -8.65 30.66
N TRP A 89 -7.05 -9.19 29.46
CA TRP A 89 -6.18 -10.35 29.33
C TRP A 89 -4.74 -9.94 29.09
N LYS A 90 -4.54 -8.76 28.53
CA LYS A 90 -3.19 -8.23 28.40
C LYS A 90 -2.67 -7.85 29.78
N LYS A 91 -3.57 -7.32 30.60
CA LYS A 91 -3.23 -6.98 31.98
C LYS A 91 -2.99 -8.24 32.80
N PHE A 92 -3.70 -9.32 32.49
CA PHE A 92 -3.49 -10.58 33.19
C PHE A 92 -2.08 -11.08 32.95
N LYS A 93 -1.70 -11.16 31.69
CA LYS A 93 -0.40 -11.68 31.29
C LYS A 93 0.74 -10.94 31.98
N SER A 94 0.64 -9.62 32.03
CA SER A 94 1.69 -8.84 32.68
C SER A 94 1.67 -9.03 34.19
N SER A 95 0.49 -9.20 34.76
CA SER A 95 0.35 -9.50 36.19
C SER A 95 0.95 -10.87 36.49
N PHE A 96 0.64 -11.84 35.62
CA PHE A 96 1.19 -13.18 35.71
C PHE A 96 2.72 -13.16 35.73
N CYS A 97 3.30 -12.35 34.85
CA CYS A 97 4.76 -12.25 34.76
C CYS A 97 5.38 -11.46 35.91
N GLU A 98 4.71 -10.39 36.33
CA GLU A 98 5.19 -9.55 37.41
C GLU A 98 5.27 -10.34 38.71
N PHE A 99 4.27 -11.16 38.95
CA PHE A 99 4.17 -11.96 40.15
C PHE A 99 5.30 -12.99 40.29
N ILE A 100 5.63 -13.67 39.20
CA ILE A 100 6.72 -14.64 39.21
C ILE A 100 8.04 -13.94 39.51
N GLY A 101 8.30 -12.84 38.79
CA GLY A 101 9.53 -12.11 38.99
C GLY A 101 9.65 -11.57 40.41
N VAL A 102 8.55 -11.06 40.94
CA VAL A 102 8.54 -10.44 42.25
C VAL A 102 8.59 -11.49 43.34
N LEU A 103 8.08 -12.69 43.06
CA LEU A 103 8.13 -13.77 44.03
C LEU A 103 9.57 -14.23 44.26
N VAL A 104 10.31 -14.41 43.17
CA VAL A 104 11.68 -14.89 43.27
C VAL A 104 12.56 -13.84 43.91
N ARG A 105 12.45 -12.61 43.47
CA ARG A 105 13.28 -11.52 43.98
C ARG A 105 13.06 -11.35 45.48
N GLN A 106 11.83 -11.57 45.94
CA GLN A 106 11.52 -11.43 47.37
C GLN A 106 11.93 -12.66 48.20
N CYS A 107 12.46 -13.69 47.54
CA CYS A 107 12.85 -14.93 48.21
C CYS A 107 14.35 -15.18 48.14
N GLN A 108 15.06 -14.30 47.44
CA GLN A 108 16.43 -14.58 47.01
C GLN A 108 17.45 -14.68 48.12
N TYR A 109 17.06 -14.32 49.34
CA TYR A 109 18.01 -14.24 50.46
C TYR A 109 17.82 -15.35 51.48
N SER A 110 16.63 -15.95 51.52
CA SER A 110 16.35 -17.02 52.46
C SER A 110 15.65 -18.20 51.77
N ILE A 111 14.32 -18.08 51.60
CA ILE A 111 13.49 -19.17 51.11
C ILE A 111 14.05 -19.87 49.88
N ILE A 112 14.60 -19.09 48.95
CA ILE A 112 15.01 -19.62 47.66
C ILE A 112 16.03 -20.76 47.79
N TYR A 113 16.73 -20.82 48.92
CA TYR A 113 17.79 -21.82 49.13
C TYR A 113 17.35 -22.98 50.04
N ASP A 114 16.04 -23.10 50.27
CA ASP A 114 15.54 -24.04 51.30
C ASP A 114 15.37 -25.48 50.81
N GLU A 115 15.77 -25.75 49.58
CA GLU A 115 15.76 -27.10 49.00
C GLU A 115 14.36 -27.62 48.66
N TYR A 116 13.33 -26.80 48.87
CA TYR A 116 11.94 -27.27 48.75
C TYR A 116 11.14 -26.47 47.72
N MSE A 117 11.09 -25.16 47.92
CA MSE A 117 10.20 -24.30 47.14
C MSE A 117 10.51 -24.31 45.64
O MSE A 117 9.61 -24.50 44.82
CB MSE A 117 10.28 -22.86 47.68
CG MSE A 117 9.19 -21.92 47.18
SE MSE A 117 9.73 -20.82 45.68
CE MSE A 117 9.85 -19.10 46.60
H MSE A 117 11.55 -24.74 48.50
HA MSE A 117 9.29 -24.60 47.27
HB2 MSE A 117 10.22 -22.89 48.64
HB3 MSE A 117 11.13 -22.48 47.42
HG2 MSE A 117 8.42 -22.45 46.90
HG3 MSE A 117 8.92 -21.33 47.91
HE1 MSE A 117 10.12 -18.42 45.97
HE2 MSE A 117 8.98 -18.88 46.97
HE3 MSE A 117 10.50 -19.17 47.32
N MSE A 118 11.77 -24.11 45.28
CA MSE A 118 12.13 -23.95 43.87
C MSE A 118 12.16 -25.24 43.07
O MSE A 118 11.82 -25.24 41.88
CB MSE A 118 13.47 -23.24 43.74
CG MSE A 118 13.43 -21.77 44.13
SE MSE A 118 12.32 -20.68 42.95
CE MSE A 118 13.36 -20.92 41.32
H MSE A 118 12.43 -24.07 45.82
HA MSE A 118 11.46 -23.36 43.47
HB2 MSE A 118 14.11 -23.68 44.32
HB3 MSE A 118 13.76 -23.29 42.82
HG2 MSE A 118 13.06 -21.70 45.03
HG3 MSE A 118 14.33 -21.42 44.11
HE1 MSE A 118 12.93 -20.42 40.60
HE2 MSE A 118 14.25 -20.58 41.47
HE3 MSE A 118 13.39 -21.87 41.10
N ASP A 119 12.58 -26.33 43.69
CA ASP A 119 12.63 -27.62 43.01
C ASP A 119 11.23 -28.09 42.64
N THR A 120 10.29 -27.85 43.54
CA THR A 120 8.88 -28.10 43.27
C THR A 120 8.40 -27.32 42.05
N VAL A 121 8.55 -26.00 42.10
CA VAL A 121 8.09 -25.14 41.02
C VAL A 121 8.78 -25.49 39.71
N ILE A 122 10.09 -25.71 39.75
CA ILE A 122 10.85 -25.99 38.54
C ILE A 122 10.46 -27.34 37.95
N SER A 123 10.26 -28.33 38.81
CA SER A 123 9.84 -29.66 38.37
C SER A 123 8.51 -29.59 37.63
N LEU A 124 7.57 -28.83 38.19
CA LEU A 124 6.25 -28.74 37.60
C LEU A 124 6.31 -28.03 36.25
N LEU A 125 6.97 -26.89 36.22
CA LEU A 125 7.10 -26.10 35.00
C LEU A 125 7.83 -26.92 33.92
N THR A 126 8.80 -27.74 34.33
CA THR A 126 9.54 -28.56 33.38
C THR A 126 8.65 -29.65 32.78
N GLY A 127 7.72 -30.16 33.59
CA GLY A 127 6.80 -31.19 33.14
C GLY A 127 5.71 -30.61 32.26
N LEU A 128 5.16 -29.48 32.68
CA LEU A 128 4.10 -28.81 31.92
C LEU A 128 4.64 -28.33 30.57
N SER A 129 5.90 -27.91 30.56
CA SER A 129 6.52 -27.45 29.32
C SER A 129 6.77 -28.62 28.37
N ASP A 130 6.60 -29.84 28.86
CA ASP A 130 6.77 -31.03 28.04
C ASP A 130 5.43 -31.56 27.53
N SER A 131 4.34 -31.06 28.10
CA SER A 131 3.00 -31.54 27.75
C SER A 131 2.68 -31.27 26.28
N GLN A 132 1.84 -32.11 25.70
CA GLN A 132 1.33 -31.86 24.35
C GLN A 132 0.16 -30.89 24.40
N VAL A 133 -0.45 -30.76 25.58
CA VAL A 133 -1.50 -29.77 25.79
C VAL A 133 -0.88 -28.39 25.68
N ARG A 134 -1.26 -27.64 24.65
CA ARG A 134 -0.59 -26.39 24.31
C ARG A 134 -0.73 -25.36 25.42
N ALA A 135 -1.92 -25.30 26.02
CA ALA A 135 -2.18 -24.32 27.07
C ALA A 135 -1.21 -24.51 28.25
N PHE A 136 -0.82 -25.76 28.50
CA PHE A 136 0.18 -26.06 29.51
C PHE A 136 1.58 -25.72 29.00
N ARG A 137 1.89 -26.18 27.79
CA ARG A 137 3.23 -25.97 27.24
C ARG A 137 3.52 -24.48 27.05
N HIS A 138 2.50 -23.74 26.64
CA HIS A 138 2.66 -22.31 26.39
C HIS A 138 2.81 -21.55 27.72
N THR A 139 1.83 -21.71 28.60
CA THR A 139 1.84 -21.01 29.88
C THR A 139 3.07 -21.32 30.74
N SER A 140 3.39 -22.61 30.86
CA SER A 140 4.50 -23.03 31.72
C SER A 140 5.84 -22.53 31.18
N THR A 141 5.96 -22.45 29.86
CA THR A 141 7.18 -21.95 29.23
C THR A 141 7.38 -20.48 29.55
N LEU A 142 6.32 -19.69 29.41
CA LEU A 142 6.37 -18.28 29.77
C LEU A 142 6.77 -18.13 31.23
N ALA A 143 6.12 -18.90 32.10
CA ALA A 143 6.45 -18.92 33.53
C ALA A 143 7.92 -19.22 33.77
N ALA A 144 8.42 -20.26 33.14
CA ALA A 144 9.80 -20.70 33.36
C ALA A 144 10.78 -19.70 32.78
N MSE A 145 10.37 -18.98 31.75
CA MSE A 145 11.23 -17.97 31.16
C MSE A 145 11.35 -16.75 32.08
O MSE A 145 12.44 -16.22 32.26
CB MSE A 145 10.72 -17.55 29.79
CG MSE A 145 10.95 -18.55 28.66
SE MSE A 145 12.78 -19.14 28.47
CE MSE A 145 12.70 -20.66 29.69
H MSE A 145 9.60 -19.06 31.38
HA MSE A 145 12.11 -18.35 31.05
HB2 MSE A 145 9.77 -17.39 29.85
HB3 MSE A 145 11.17 -16.73 29.54
HG2 MSE A 145 10.40 -19.34 28.83
HG3 MSE A 145 10.68 -18.14 27.82
HE1 MSE A 145 12.46 -20.35 30.58
HE2 MSE A 145 12.04 -21.29 29.36
HE3 MSE A 145 13.57 -21.09 29.72
N LYS A 146 10.23 -16.30 32.62
CA LYS A 146 10.22 -15.24 33.61
C LYS A 146 10.98 -15.68 34.87
N LEU A 147 10.76 -16.93 35.24
CA LEU A 147 11.41 -17.49 36.42
C LEU A 147 12.92 -17.42 36.27
N MSE A 148 13.40 -17.78 35.09
CA MSE A 148 14.83 -17.77 34.80
C MSE A 148 15.40 -16.35 34.92
O MSE A 148 16.45 -16.15 35.51
CB MSE A 148 15.09 -18.32 33.40
CG MSE A 148 16.53 -18.24 32.92
SE MSE A 148 17.66 -19.75 33.34
CE MSE A 148 19.06 -19.37 32.03
H MSE A 148 12.92 -18.05 34.42
HA MSE A 148 15.29 -18.34 35.45
HB2 MSE A 148 14.84 -19.25 33.39
HB3 MSE A 148 14.54 -17.83 32.78
HG2 MSE A 148 16.52 -18.13 31.95
HG3 MSE A 148 16.94 -17.45 33.33
HE1 MSE A 148 19.74 -20.06 32.09
HE2 MSE A 148 18.66 -19.38 31.14
HE3 MSE A 148 19.44 -18.50 32.22
N THR A 149 14.69 -15.39 34.34
CA THR A 149 15.14 -14.00 34.34
C THR A 149 15.25 -13.45 35.75
N ALA A 150 14.30 -13.83 36.60
CA ALA A 150 14.35 -13.47 38.01
C ALA A 150 15.61 -14.03 38.65
N LEU A 151 16.01 -15.22 38.23
CA LEU A 151 17.20 -15.87 38.76
C LEU A 151 18.50 -15.24 38.25
N VAL A 152 18.47 -14.64 37.06
CA VAL A 152 19.65 -13.95 36.55
C VAL A 152 19.90 -12.73 37.42
N ASN A 153 18.83 -12.12 37.93
CA ASN A 153 18.97 -11.00 38.82
C ASN A 153 19.61 -11.42 40.14
N VAL A 154 19.12 -12.53 40.69
CA VAL A 154 19.65 -13.09 41.93
C VAL A 154 21.13 -13.41 41.78
N ALA A 155 21.49 -14.06 40.68
CA ALA A 155 22.88 -14.38 40.41
C ALA A 155 23.72 -13.12 40.36
N LEU A 156 23.21 -12.10 39.67
CA LEU A 156 23.93 -10.85 39.52
C LEU A 156 24.16 -10.17 40.88
N ASN A 157 23.12 -10.11 41.70
CA ASN A 157 23.24 -9.58 43.04
C ASN A 157 24.29 -10.36 43.82
N LEU A 158 24.24 -11.68 43.72
CA LEU A 158 25.18 -12.55 44.41
C LEU A 158 26.61 -12.22 44.02
N SER A 159 26.83 -12.07 42.71
CA SER A 159 28.14 -11.75 42.18
C SER A 159 28.65 -10.44 42.78
N ILE A 160 27.78 -9.44 42.81
CA ILE A 160 28.11 -8.14 43.39
C ILE A 160 28.44 -8.30 44.87
N ASN A 161 27.60 -9.03 45.59
CA ASN A 161 27.83 -9.28 47.00
C ASN A 161 29.15 -10.02 47.21
N MSE A 162 29.42 -11.01 46.36
CA MSE A 162 30.65 -11.79 46.44
C MSE A 162 31.90 -10.93 46.25
O MSE A 162 32.93 -11.16 46.87
CB MSE A 162 30.64 -12.93 45.41
CG MSE A 162 29.75 -14.12 45.77
SE MSE A 162 29.58 -15.48 44.36
CE MSE A 162 31.41 -16.17 44.41
H MSE A 162 28.89 -11.25 45.72
HA MSE A 162 30.70 -12.20 47.32
HB2 MSE A 162 30.32 -12.57 44.56
HB3 MSE A 162 31.54 -13.25 45.30
HG2 MSE A 162 30.13 -14.56 46.55
HG3 MSE A 162 28.86 -13.80 45.98
HE1 MSE A 162 31.50 -16.87 43.75
HE2 MSE A 162 32.02 -15.45 44.21
HE3 MSE A 162 31.59 -16.53 45.30
N ASP A 163 31.78 -9.94 45.37
CA ASP A 163 32.92 -9.06 45.09
C ASP A 163 33.18 -8.10 46.24
N ASN A 164 32.12 -7.52 46.79
CA ASN A 164 32.25 -6.65 47.95
C ASN A 164 32.84 -7.36 49.15
N THR A 165 32.33 -8.56 49.43
CA THR A 165 32.80 -9.32 50.57
C THR A 165 34.25 -9.78 50.36
N GLN A 166 34.63 -9.95 49.10
CA GLN A 166 36.00 -10.31 48.76
C GLN A 166 36.94 -9.14 49.03
N ARG A 167 36.52 -7.94 48.64
CA ARG A 167 37.31 -6.75 48.89
C ARG A 167 37.43 -6.52 50.38
N GLN A 168 36.38 -6.89 51.11
CA GLN A 168 36.38 -6.76 52.56
C GLN A 168 37.38 -7.74 53.16
N TYR A 169 37.43 -8.95 52.61
CA TYR A 169 38.37 -9.95 53.07
C TYR A 169 39.82 -9.51 52.89
N GLU A 170 40.14 -9.07 51.67
CA GLU A 170 41.51 -8.71 51.35
C GLU A 170 42.00 -7.52 52.18
N ALA A 171 41.13 -6.53 52.37
CA ALA A 171 41.47 -5.37 53.19
C ALA A 171 41.84 -5.79 54.61
N GLU A 172 41.31 -6.93 55.05
CA GLU A 172 41.60 -7.46 56.37
C GLU A 172 42.82 -8.37 56.38
N ARG A 173 43.05 -9.08 55.27
CA ARG A 173 44.26 -9.90 55.15
C ARG A 173 45.48 -8.99 55.27
N ASN A 174 45.33 -7.74 54.83
CA ASN A 174 46.34 -6.72 55.01
C ASN A 174 46.56 -6.42 56.49
N LYS A 175 45.50 -5.99 57.15
CA LYS A 175 45.57 -5.58 58.55
C LYS A 175 45.92 -6.72 59.51
N ALA A 181 41.41 -9.21 64.78
CA ALA A 181 41.62 -9.23 63.34
C ALA A 181 41.42 -10.62 62.72
N ASN A 182 42.12 -11.62 63.25
CA ASN A 182 41.99 -12.99 62.75
C ASN A 182 40.58 -13.55 62.98
N GLU A 183 39.80 -12.92 63.85
CA GLU A 183 38.45 -13.38 64.16
C GLU A 183 37.45 -12.93 63.09
N ARG A 184 37.57 -11.69 62.64
CA ARG A 184 36.72 -11.20 61.56
C ARG A 184 37.07 -11.87 60.24
N LEU A 185 38.35 -12.23 60.10
CA LEU A 185 38.84 -12.87 58.88
C LEU A 185 38.16 -14.21 58.70
N GLU A 186 37.99 -14.94 59.80
CA GLU A 186 37.32 -16.24 59.78
C GLU A 186 35.86 -16.11 59.36
N LEU A 187 35.22 -15.01 59.76
CA LEU A 187 33.82 -14.78 59.42
C LEU A 187 33.67 -14.41 57.95
N LEU A 188 34.59 -13.60 57.44
CA LEU A 188 34.57 -13.20 56.04
C LEU A 188 34.89 -14.40 55.14
N LEU A 189 35.78 -15.27 55.60
CA LEU A 189 36.08 -16.49 54.88
C LEU A 189 34.84 -17.37 54.89
N GLN A 190 34.19 -17.44 56.05
CA GLN A 190 32.96 -18.21 56.18
C GLN A 190 31.85 -17.62 55.30
N LYS A 191 31.75 -16.29 55.29
CA LYS A 191 30.73 -15.62 54.48
C LYS A 191 30.98 -15.88 53.01
N ARG A 192 32.25 -15.81 52.62
CA ARG A 192 32.65 -16.01 51.24
C ARG A 192 32.40 -17.45 50.81
N LYS A 193 32.49 -18.36 51.75
CA LYS A 193 32.22 -19.77 51.51
C LYS A 193 30.73 -19.99 51.30
N GLU A 194 29.92 -19.36 52.14
CA GLU A 194 28.47 -19.50 52.08
C GLU A 194 27.89 -18.93 50.78
N LEU A 195 28.46 -17.82 50.31
CA LEU A 195 27.98 -17.19 49.08
C LEU A 195 28.33 -18.02 47.86
N GLN A 196 29.46 -18.71 47.90
CA GLN A 196 29.89 -19.53 46.78
C GLN A 196 28.96 -20.73 46.64
N GLU A 197 28.55 -21.27 47.78
CA GLU A 197 27.52 -22.31 47.82
C GLU A 197 26.26 -21.78 47.18
N ASN A 198 25.85 -20.60 47.60
CA ASN A 198 24.69 -19.94 47.02
C ASN A 198 24.77 -19.77 45.51
N GLN A 199 25.97 -19.51 45.00
CA GLN A 199 26.15 -19.31 43.58
C GLN A 199 25.98 -20.64 42.84
N ASP A 200 26.54 -21.70 43.42
CA ASP A 200 26.43 -23.03 42.85
C ASP A 200 24.96 -23.46 42.79
N GLU A 201 24.24 -23.23 43.87
CA GLU A 201 22.83 -23.59 43.94
C GLU A 201 22.03 -22.87 42.87
N ILE A 202 22.29 -21.57 42.69
CA ILE A 202 21.53 -20.79 41.73
C ILE A 202 21.87 -21.25 40.31
N GLU A 203 23.15 -21.46 40.02
CA GLU A 203 23.56 -21.94 38.69
C GLU A 203 22.93 -23.30 38.34
N ASN A 204 22.72 -24.15 39.35
CA ASN A 204 22.03 -25.42 39.14
C ASN A 204 20.61 -25.16 38.65
N MSE A 205 19.89 -24.34 39.40
CA MSE A 205 18.52 -23.99 39.07
C MSE A 205 18.38 -23.37 37.68
O MSE A 205 17.43 -23.68 36.96
CB MSE A 205 17.95 -23.06 40.13
CG MSE A 205 17.65 -23.74 41.45
SE MSE A 205 17.37 -22.46 42.90
CE MSE A 205 16.92 -20.91 41.86
H MSE A 205 20.19 -23.94 40.11
HA MSE A 205 17.99 -24.81 39.09
HB2 MSE A 205 18.58 -22.34 40.29
HB3 MSE A 205 17.12 -22.68 39.80
HG2 MSE A 205 16.84 -24.27 41.36
HG3 MSE A 205 18.40 -24.31 41.69
HE1 MSE A 205 16.74 -20.16 42.46
HE2 MSE A 205 17.65 -20.69 41.27
HE3 MSE A 205 16.12 -21.10 41.33
N MSE A 206 19.30 -22.50 37.29
CA MSE A 206 19.24 -21.93 35.96
C MSE A 206 19.49 -23.01 34.93
O MSE A 206 18.85 -23.04 33.88
CB MSE A 206 20.28 -20.83 35.75
CG MSE A 206 20.68 -20.06 36.97
SE MSE A 206 21.51 -18.37 36.52
CE MSE A 206 19.88 -17.37 36.18
H MSE A 206 19.97 -22.25 37.77
HA MSE A 206 18.36 -21.54 35.81
HB2 MSE A 206 21.09 -21.24 35.39
HB3 MSE A 206 19.94 -20.19 35.10
HG2 MSE A 206 19.89 -19.88 37.51
HG3 MSE A 206 21.32 -20.59 37.48
HE1 MSE A 206 19.39 -17.81 35.46
HE2 MSE A 206 19.35 -17.37 36.99
HE3 MSE A 206 20.11 -16.46 35.93
N ASN A 207 20.44 -23.90 35.23
CA ASN A 207 20.84 -24.91 34.27
C ASN A 207 19.76 -25.97 34.08
N ALA A 208 18.98 -26.20 35.14
CA ALA A 208 17.82 -27.07 35.06
C ALA A 208 16.81 -26.46 34.07
N ILE A 209 16.44 -25.21 34.31
CA ILE A 209 15.45 -24.52 33.49
C ILE A 209 15.93 -24.37 32.06
N PHE A 210 17.22 -24.11 31.87
CA PHE A 210 17.74 -23.84 30.54
C PHE A 210 17.74 -25.11 29.68
N LYS A 211 18.24 -26.21 30.24
CA LYS A 211 18.34 -27.46 29.49
C LYS A 211 17.03 -28.23 29.51
N GLY A 212 16.25 -28.05 30.57
CA GLY A 212 14.97 -28.71 30.69
C GLY A 212 13.84 -28.04 29.90
N VAL A 213 13.89 -26.72 29.79
CA VAL A 213 12.86 -25.97 29.09
C VAL A 213 13.39 -25.28 27.84
N PHE A 214 14.24 -24.27 28.01
CA PHE A 214 14.63 -23.40 26.89
C PHE A 214 15.15 -24.14 25.67
N VAL A 215 16.00 -25.13 25.91
CA VAL A 215 16.68 -25.82 24.84
C VAL A 215 15.72 -26.59 23.93
N HIS A 216 14.56 -26.97 24.47
CA HIS A 216 13.56 -27.71 23.70
C HIS A 216 12.49 -26.77 23.19
N ARG A 217 12.26 -25.70 23.93
CA ARG A 217 11.05 -24.90 23.77
C ARG A 217 11.24 -23.67 22.91
N TYR A 218 12.50 -23.28 22.68
CA TYR A 218 12.79 -22.21 21.75
C TYR A 218 12.60 -22.72 20.33
N ARG A 219 12.43 -24.04 20.23
CA ARG A 219 12.38 -24.74 18.97
C ARG A 219 10.98 -25.30 18.75
N ASP A 220 10.03 -24.80 19.53
CA ASP A 220 8.68 -25.36 19.53
C ASP A 220 8.01 -25.22 18.17
N ALA A 221 7.09 -26.14 17.88
CA ALA A 221 6.34 -26.09 16.62
C ALA A 221 5.50 -24.83 16.56
N ILE A 222 5.10 -24.34 17.74
CA ILE A 222 4.30 -23.12 17.84
C ILE A 222 5.20 -21.88 17.88
N ALA A 223 4.95 -20.97 16.95
CA ALA A 223 5.77 -19.78 16.78
C ALA A 223 5.74 -18.86 18.00
N GLU A 224 4.56 -18.72 18.62
CA GLU A 224 4.41 -17.83 19.75
C GLU A 224 5.31 -18.28 20.90
N ILE A 225 5.54 -19.58 20.99
CA ILE A 225 6.38 -20.14 22.05
C ILE A 225 7.86 -19.92 21.72
N ARG A 226 8.22 -19.94 20.44
CA ARG A 226 9.61 -19.72 20.06
C ARG A 226 9.96 -18.26 20.35
N ALA A 227 9.00 -17.38 20.12
CA ALA A 227 9.21 -15.96 20.34
C ALA A 227 9.42 -15.64 21.83
N ILE A 228 8.66 -16.34 22.68
CA ILE A 228 8.80 -16.16 24.12
C ILE A 228 10.22 -16.46 24.57
N CYS A 229 10.75 -17.57 24.10
CA CYS A 229 12.09 -18.02 24.48
C CYS A 229 13.18 -17.05 24.02
N ILE A 230 13.05 -16.51 22.81
CA ILE A 230 14.07 -15.65 22.24
C ILE A 230 14.04 -14.24 22.86
N GLU A 231 12.86 -13.80 23.27
CA GLU A 231 12.73 -12.53 23.95
C GLU A 231 13.56 -12.50 25.24
N GLU A 232 13.44 -13.56 26.05
CA GLU A 232 14.10 -13.61 27.35
C GLU A 232 15.58 -13.91 27.26
N ILE A 233 16.01 -14.72 26.29
CA ILE A 233 17.46 -14.93 26.16
C ILE A 233 18.08 -13.59 25.76
N GLY A 234 17.33 -12.75 25.05
CA GLY A 234 17.80 -11.41 24.77
C GLY A 234 17.98 -10.63 26.06
N ILE A 235 17.01 -10.77 26.95
CA ILE A 235 17.01 -10.04 28.22
C ILE A 235 18.14 -10.47 29.15
N TRP A 236 18.47 -11.76 29.20
CA TRP A 236 19.53 -12.24 30.08
C TRP A 236 20.89 -11.68 29.69
N MSE A 237 21.11 -11.57 28.38
CA MSE A 237 22.41 -11.13 27.86
C MSE A 237 22.61 -9.63 28.02
O MSE A 237 23.74 -9.14 28.16
CB MSE A 237 22.51 -11.52 26.40
CG MSE A 237 22.27 -13.00 26.18
SE MSE A 237 22.24 -13.49 24.29
CE MSE A 237 24.15 -13.64 24.16
H MSE A 237 20.54 -11.75 27.77
HA MSE A 237 23.11 -11.59 28.34
HB2 MSE A 237 21.83 -11.03 25.89
HB3 MSE A 237 23.39 -11.31 26.06
HG2 MSE A 237 22.98 -13.51 26.61
HG3 MSE A 237 21.41 -13.24 26.56
HE1 MSE A 237 24.39 -13.89 23.25
HE2 MSE A 237 24.55 -12.79 24.38
HE3 MSE A 237 24.46 -14.32 24.78
N LYS A 238 21.51 -8.89 28.02
CA LYS A 238 21.54 -7.45 28.20
C LYS A 238 21.62 -7.09 29.68
N MSE A 239 21.22 -8.04 30.51
CA MSE A 239 21.06 -7.82 31.94
C MSE A 239 22.31 -8.23 32.73
O MSE A 239 22.79 -7.50 33.59
CB MSE A 239 19.84 -8.61 32.40
CG MSE A 239 19.66 -8.73 33.90
SE MSE A 239 17.95 -9.61 34.19
CE MSE A 239 17.69 -9.13 36.05
H MSE A 239 21.03 -8.85 30.27
HA MSE A 239 20.89 -6.88 32.10
HB2 MSE A 239 19.05 -8.17 32.05
HB3 MSE A 239 19.91 -9.50 32.05
HG2 MSE A 239 20.36 -9.28 34.27
HG3 MSE A 239 19.63 -7.86 34.30
HE1 MSE A 239 16.85 -9.51 36.37
HE2 MSE A 239 18.43 -9.49 36.57
HE3 MSE A 239 17.66 -8.17 36.13
N TYR A 240 22.82 -9.42 32.42
CA TYR A 240 24.02 -9.96 33.06
C TYR A 240 24.96 -10.37 31.94
N SER A 241 25.46 -9.38 31.19
CA SER A 241 26.23 -9.64 29.98
C SER A 241 27.54 -10.39 30.27
N ASP A 242 28.16 -10.12 31.42
CA ASP A 242 29.42 -10.78 31.79
C ASP A 242 29.30 -12.30 31.81
N ALA A 243 28.08 -12.78 32.04
CA ALA A 243 27.83 -14.20 32.26
C ALA A 243 27.08 -14.87 31.10
N PHE A 244 26.32 -14.08 30.34
CA PHE A 244 25.46 -14.63 29.29
C PHE A 244 25.78 -14.15 27.87
N LEU A 245 26.54 -13.06 27.74
CA LEU A 245 26.84 -12.50 26.42
C LEU A 245 28.09 -13.14 25.83
N ASN A 246 27.96 -14.40 25.47
CA ASN A 246 28.99 -15.15 24.77
C ASN A 246 28.32 -16.01 23.70
N ASP A 247 29.12 -16.68 22.88
CA ASP A 247 28.57 -17.47 21.77
C ASP A 247 27.62 -18.56 22.24
N SER A 248 27.89 -19.11 23.43
CA SER A 248 27.11 -20.24 23.92
C SER A 248 25.64 -19.91 24.15
N TYR A 249 25.32 -18.62 24.21
CA TYR A 249 23.94 -18.16 24.27
C TYR A 249 23.56 -17.37 23.02
N LEU A 250 24.53 -16.72 22.38
CA LEU A 250 24.28 -15.98 21.14
C LEU A 250 23.86 -16.90 19.98
N LYS A 251 24.36 -18.14 19.97
CA LYS A 251 24.12 -19.05 18.84
C LYS A 251 22.64 -19.33 18.60
N TYR A 252 21.88 -19.43 19.69
CA TYR A 252 20.44 -19.64 19.60
C TYR A 252 19.74 -18.51 18.84
N VAL A 253 20.11 -17.28 19.14
CA VAL A 253 19.56 -16.13 18.45
C VAL A 253 20.07 -16.09 17.01
N GLY A 254 21.28 -16.60 16.80
CA GLY A 254 21.86 -16.70 15.46
C GLY A 254 21.06 -17.62 14.56
N TRP A 255 20.73 -18.79 15.09
CA TRP A 255 19.94 -19.77 14.35
C TRP A 255 18.54 -19.24 14.10
N THR A 256 17.94 -18.73 15.17
CA THR A 256 16.54 -18.34 15.14
C THR A 256 16.29 -17.13 14.23
N MSE A 257 17.35 -16.43 13.83
CA MSE A 257 17.23 -15.38 12.84
C MSE A 257 16.74 -15.94 11.51
O MSE A 257 16.24 -15.21 10.66
CB MSE A 257 18.59 -14.71 12.59
CG MSE A 257 18.93 -13.53 13.50
SE MSE A 257 20.69 -12.77 13.12
CE MSE A 257 21.28 -13.96 11.72
H MSE A 257 18.15 -16.56 14.12
HA MSE A 257 16.62 -14.70 13.14
HB2 MSE A 257 19.28 -15.38 12.71
HB3 MSE A 257 18.61 -14.38 11.68
HG2 MSE A 257 18.27 -12.84 13.39
HG3 MSE A 257 18.93 -13.84 14.43
HE1 MSE A 257 22.16 -13.70 11.43
HE2 MSE A 257 21.30 -14.87 12.07
HE3 MSE A 257 20.65 -13.92 10.99
N HIS A 258 16.92 -17.24 11.34
CA HIS A 258 16.53 -17.92 10.12
C HIS A 258 15.16 -18.58 10.24
N ASP A 259 14.46 -18.28 11.32
CA ASP A 259 13.14 -18.86 11.56
C ASP A 259 12.19 -18.49 10.42
N LYS A 260 11.16 -19.31 10.22
CA LYS A 260 10.25 -19.13 9.11
C LYS A 260 9.12 -18.14 9.39
N GLN A 261 9.00 -17.71 10.64
CA GLN A 261 7.95 -16.75 11.03
C GLN A 261 8.54 -15.36 11.33
N GLY A 262 7.81 -14.32 10.92
CA GLY A 262 8.26 -12.96 11.11
C GLY A 262 8.37 -12.57 12.58
N GLU A 263 7.38 -12.98 13.38
CA GLU A 263 7.36 -12.62 14.80
C GLU A 263 8.54 -13.20 15.56
N VAL A 264 9.02 -14.36 15.13
CA VAL A 264 10.21 -14.92 15.74
C VAL A 264 11.42 -14.10 15.32
N ARG A 265 11.57 -13.89 14.02
CA ARG A 265 12.72 -13.15 13.48
C ARG A 265 12.82 -11.75 14.05
N LEU A 266 11.69 -11.12 14.30
CA LEU A 266 11.65 -9.79 14.90
C LEU A 266 12.33 -9.78 16.26
N LYS A 267 12.01 -10.78 17.08
CA LYS A 267 12.56 -10.86 18.43
C LYS A 267 14.08 -11.05 18.44
N CYS A 268 14.61 -11.75 17.44
CA CYS A 268 16.06 -11.95 17.36
C CYS A 268 16.74 -10.61 17.14
N LEU A 269 16.11 -9.74 16.35
CA LEU A 269 16.69 -8.45 16.02
C LEU A 269 16.51 -7.44 17.16
N THR A 270 15.37 -7.52 17.84
CA THR A 270 15.15 -6.69 19.02
C THR A 270 16.15 -7.06 20.11
N ALA A 271 16.40 -8.36 20.26
CA ALA A 271 17.34 -8.84 21.27
C ALA A 271 18.74 -8.30 21.03
N LEU A 272 19.21 -8.37 19.80
CA LEU A 272 20.55 -7.90 19.46
C LEU A 272 20.66 -6.39 19.59
N GLN A 273 19.60 -5.67 19.21
CA GLN A 273 19.59 -4.22 19.36
C GLN A 273 19.82 -3.80 20.81
N GLY A 274 19.19 -4.52 21.73
CA GLY A 274 19.39 -4.29 23.15
C GLY A 274 20.84 -4.43 23.59
N LEU A 275 21.65 -5.08 22.77
CA LEU A 275 23.05 -5.33 23.11
C LEU A 275 23.96 -4.27 22.51
N TYR A 276 23.37 -3.29 21.84
CA TYR A 276 24.13 -2.15 21.34
C TYR A 276 23.65 -0.85 21.96
N TYR A 277 22.34 -0.70 22.08
CA TYR A 277 21.74 0.50 22.67
C TYR A 277 21.39 0.25 24.14
N ASN A 278 21.68 1.18 25.05
CA ASN A 278 22.38 2.43 24.76
C ASN A 278 23.88 2.22 24.65
N LYS A 279 24.36 1.17 25.33
CA LYS A 279 25.78 1.07 25.67
C LYS A 279 26.56 -0.03 24.95
N GLU A 280 27.86 0.21 24.81
CA GLU A 280 28.80 -0.69 24.15
C GLU A 280 29.96 -0.84 25.17
N LEU A 281 31.00 -1.63 24.91
CA LEU A 281 31.34 -2.25 23.63
C LEU A 281 31.88 -3.66 23.93
N ASN A 282 31.51 -4.65 23.11
CA ASN A 282 31.82 -6.05 23.39
C ASN A 282 32.54 -6.77 22.24
N SER A 283 33.72 -7.32 22.54
CA SER A 283 34.49 -8.06 21.54
C SER A 283 33.77 -9.33 21.10
N LYS A 284 33.07 -9.97 22.02
CA LYS A 284 32.36 -11.22 21.71
C LYS A 284 31.12 -10.96 20.86
N LEU A 285 30.50 -9.79 21.05
CA LEU A 285 29.33 -9.41 20.28
C LEU A 285 29.71 -9.09 18.83
N GLU A 286 30.84 -8.42 18.65
CA GLU A 286 31.30 -8.02 17.32
C GLU A 286 31.75 -9.21 16.48
N LEU A 287 32.20 -10.27 17.15
CA LEU A 287 32.62 -11.47 16.46
C LEU A 287 31.40 -12.18 15.88
N PHE A 288 30.37 -12.30 16.71
CA PHE A 288 29.10 -12.89 16.30
C PHE A 288 28.46 -12.10 15.17
N THR A 289 28.50 -10.78 15.28
CA THR A 289 27.84 -9.91 14.31
C THR A 289 28.57 -10.00 12.98
N SER A 290 29.90 -10.05 13.03
CA SER A 290 30.68 -10.19 11.82
C SER A 290 30.43 -11.55 11.19
N ARG A 291 30.01 -12.50 12.01
CA ARG A 291 29.74 -13.86 11.57
C ARG A 291 28.32 -14.01 11.00
N PHE A 292 27.44 -13.07 11.35
CA PHE A 292 26.04 -13.10 10.92
C PHE A 292 25.65 -11.81 10.19
N LYS A 293 26.65 -11.02 9.79
CA LYS A 293 26.43 -9.77 9.10
C LYS A 293 25.67 -9.98 7.78
N ASP A 294 26.12 -10.94 6.98
CA ASP A 294 25.48 -11.20 5.67
C ASP A 294 23.99 -11.47 5.78
N ARG A 295 23.62 -12.32 6.72
CA ARG A 295 22.23 -12.67 6.92
C ARG A 295 21.44 -11.48 7.48
N ILE A 296 22.11 -10.58 8.20
CA ILE A 296 21.45 -9.36 8.69
C ILE A 296 21.10 -8.39 7.57
N VAL A 297 22.04 -8.08 6.67
CA VAL A 297 21.74 -7.12 5.62
C VAL A 297 20.69 -7.66 4.67
N SER A 298 20.59 -8.98 4.58
CA SER A 298 19.59 -9.61 3.72
C SER A 298 18.20 -9.41 4.31
N MSE A 299 18.15 -9.23 5.63
CA MSE A 299 16.87 -9.05 6.32
C MSE A 299 16.36 -7.62 6.16
O MSE A 299 15.23 -7.31 6.56
CB MSE A 299 17.00 -9.38 7.79
CG MSE A 299 16.92 -10.86 8.10
SE MSE A 299 16.88 -11.21 9.99
CE MSE A 299 18.69 -11.83 10.15
H MSE A 299 18.83 -9.20 6.14
HA MSE A 299 16.22 -9.64 5.93
HB2 MSE A 299 17.85 -9.06 8.12
HB3 MSE A 299 16.28 -8.95 8.28
HG2 MSE A 299 16.12 -11.23 7.70
HG3 MSE A 299 17.71 -11.30 7.72
HE1 MSE A 299 18.86 -12.06 11.08
HE2 MSE A 299 18.81 -12.61 9.59
HE3 MSE A 299 19.30 -11.12 9.87
N THR A 300 17.17 -6.74 5.58
CA THR A 300 16.71 -5.40 5.25
C THR A 300 15.66 -5.49 4.16
N LEU A 301 15.61 -6.65 3.51
CA LEU A 301 14.56 -6.97 2.53
C LEU A 301 13.72 -8.16 2.98
N ASP A 302 13.55 -8.33 4.28
CA ASP A 302 12.72 -9.40 4.82
C ASP A 302 11.31 -9.32 4.23
N LYS A 303 10.67 -10.48 4.07
CA LYS A 303 9.32 -10.54 3.54
C LYS A 303 8.35 -9.72 4.40
N GLU A 304 8.63 -9.68 5.69
CA GLU A 304 7.86 -8.88 6.63
C GLU A 304 8.54 -7.53 6.85
N TYR A 305 7.85 -6.44 6.52
CA TYR A 305 8.39 -5.09 6.64
C TYR A 305 8.85 -4.77 8.06
N ASP A 306 7.98 -5.05 9.03
CA ASP A 306 8.27 -4.81 10.44
C ASP A 306 9.63 -5.40 10.84
N VAL A 307 9.98 -6.53 10.24
CA VAL A 307 11.28 -7.16 10.47
C VAL A 307 12.38 -6.38 9.75
N ALA A 308 12.04 -5.85 8.57
CA ALA A 308 13.03 -5.16 7.76
C ALA A 308 13.50 -3.86 8.41
N VAL A 309 12.58 -3.15 9.05
CA VAL A 309 12.92 -1.90 9.73
C VAL A 309 13.97 -2.16 10.81
N GLN A 310 13.66 -3.07 11.71
CA GLN A 310 14.57 -3.46 12.79
C GLN A 310 15.94 -3.89 12.27
N ALA A 311 15.96 -4.56 11.11
CA ALA A 311 17.22 -5.01 10.55
C ALA A 311 18.10 -3.81 10.15
N ILE A 312 17.47 -2.75 9.68
CA ILE A 312 18.20 -1.55 9.27
C ILE A 312 18.62 -0.79 10.51
N LYS A 313 17.69 -0.70 11.46
CA LYS A 313 17.95 -0.02 12.72
C LYS A 313 19.09 -0.69 13.49
N LEU A 314 19.17 -2.02 13.42
CA LEU A 314 20.29 -2.71 14.02
C LEU A 314 21.58 -2.35 13.29
N LEU A 315 21.51 -2.36 11.96
CA LEU A 315 22.66 -2.05 11.13
C LEU A 315 23.13 -0.62 11.37
N THR A 316 22.19 0.24 11.76
CA THR A 316 22.54 1.60 12.15
C THR A 316 23.31 1.60 13.47
N LEU A 317 22.91 0.74 14.41
CA LEU A 317 23.62 0.62 15.69
C LEU A 317 24.99 -0.01 15.48
N VAL A 318 25.04 -1.04 14.64
CA VAL A 318 26.30 -1.72 14.32
C VAL A 318 27.28 -0.70 13.75
N LEU A 319 26.74 0.29 13.05
CA LEU A 319 27.52 1.37 12.46
C LEU A 319 28.27 2.15 13.54
N GLN A 320 27.59 2.44 14.64
CA GLN A 320 28.16 3.24 15.73
C GLN A 320 29.42 2.60 16.30
N SER A 321 29.32 1.32 16.63
CA SER A 321 30.43 0.58 17.21
C SER A 321 31.68 0.55 16.33
N SER A 322 31.50 0.30 15.04
CA SER A 322 32.62 -0.11 14.19
C SER A 322 32.71 0.55 12.81
N GLU A 323 31.75 0.24 11.94
CA GLU A 323 31.84 0.51 10.49
C GLU A 323 32.91 -0.34 9.82
N GLU A 324 33.55 -1.22 10.58
CA GLU A 324 34.60 -2.09 10.08
C GLU A 324 33.97 -3.28 9.40
N VAL A 325 32.91 -3.79 10.02
CA VAL A 325 32.27 -5.03 9.60
C VAL A 325 31.56 -4.91 8.25
N LEU A 326 30.91 -3.78 8.01
CA LEU A 326 30.16 -3.55 6.78
C LEU A 326 31.10 -3.33 5.60
N THR A 327 30.60 -3.63 4.39
CA THR A 327 31.33 -3.36 3.16
C THR A 327 30.56 -2.32 2.36
N ALA A 328 31.17 -1.84 1.28
CA ALA A 328 30.53 -0.86 0.41
C ALA A 328 29.23 -1.40 -0.14
N GLU A 329 29.24 -2.69 -0.46
CA GLU A 329 28.09 -3.33 -1.07
C GLU A 329 26.98 -3.52 -0.05
N ASP A 330 27.38 -3.75 1.20
CA ASP A 330 26.42 -3.86 2.30
C ASP A 330 25.69 -2.53 2.46
N CYS A 331 26.45 -1.45 2.52
CA CYS A 331 25.89 -0.12 2.68
C CYS A 331 25.09 0.33 1.47
N GLU A 332 25.61 0.05 0.27
CA GLU A 332 24.94 0.43 -0.96
C GLU A 332 23.56 -0.22 -1.04
N ASN A 333 23.44 -1.45 -0.58
CA ASN A 333 22.17 -2.15 -0.56
C ASN A 333 21.17 -1.45 0.34
N VAL A 334 21.63 -0.97 1.49
CA VAL A 334 20.76 -0.27 2.43
C VAL A 334 20.32 1.08 1.85
N TYR A 335 21.20 1.71 1.07
CA TYR A 335 20.89 3.00 0.47
C TYR A 335 19.70 2.90 -0.49
N HIS A 336 19.59 1.76 -1.16
CA HIS A 336 18.53 1.56 -2.15
C HIS A 336 17.17 1.68 -1.48
N LEU A 337 17.09 1.30 -0.22
CA LEU A 337 15.82 1.21 0.49
C LEU A 337 15.20 2.57 0.78
N VAL A 338 15.96 3.62 0.54
CA VAL A 338 15.44 4.99 0.67
C VAL A 338 14.34 5.22 -0.38
N TYR A 339 14.33 4.36 -1.40
CA TYR A 339 13.33 4.42 -2.46
C TYR A 339 12.26 3.36 -2.28
N SER A 340 12.21 2.78 -1.07
CA SER A 340 11.23 1.74 -0.77
C SER A 340 9.80 2.29 -0.78
N ALA A 341 8.85 1.43 -1.15
CA ALA A 341 7.44 1.80 -1.18
C ALA A 341 6.91 2.07 0.23
N HIS A 342 7.53 1.43 1.21
CA HIS A 342 7.06 1.44 2.58
C HIS A 342 7.84 2.48 3.40
N ARG A 343 7.14 3.43 4.03
CA ARG A 343 7.83 4.57 4.64
C ARG A 343 8.69 4.21 5.85
N PRO A 344 8.21 3.33 6.73
CA PRO A 344 9.05 2.98 7.89
C PRO A 344 10.41 2.42 7.49
N VAL A 345 10.44 1.65 6.40
CA VAL A 345 11.69 1.13 5.87
C VAL A 345 12.49 2.27 5.27
N ALA A 346 11.83 3.10 4.48
CA ALA A 346 12.49 4.23 3.83
C ALA A 346 13.15 5.15 4.84
N VAL A 347 12.39 5.51 5.87
CA VAL A 347 12.87 6.43 6.89
C VAL A 347 13.99 5.79 7.70
N ALA A 348 13.86 4.50 8.01
CA ALA A 348 14.90 3.82 8.77
C ALA A 348 16.17 3.73 7.94
N ALA A 349 16.01 3.43 6.66
CA ALA A 349 17.13 3.39 5.74
C ALA A 349 17.72 4.78 5.55
N GLY A 350 16.87 5.79 5.65
CA GLY A 350 17.30 7.17 5.49
C GLY A 350 18.14 7.64 6.66
N GLU A 351 17.80 7.21 7.87
CA GLU A 351 18.58 7.56 9.04
C GLU A 351 19.95 6.88 8.95
N PHE A 352 19.98 5.69 8.36
CA PHE A 352 21.24 4.98 8.14
C PHE A 352 22.11 5.77 7.18
N LEU A 353 21.51 6.22 6.07
CA LEU A 353 22.18 7.04 5.08
C LEU A 353 22.77 8.32 5.69
N TYR A 354 22.00 8.96 6.57
CA TYR A 354 22.43 10.19 7.20
C TYR A 354 23.70 9.98 8.02
N LYS A 355 23.67 9.01 8.92
CA LYS A 355 24.80 8.79 9.83
C LYS A 355 26.03 8.31 9.08
N LYS A 356 25.83 7.71 7.91
CA LYS A 356 26.94 7.17 7.14
C LYS A 356 27.66 8.25 6.32
N LEU A 357 26.91 9.18 5.74
CA LEU A 357 27.47 10.14 4.78
C LEU A 357 27.15 11.61 5.05
N PHE A 358 26.60 11.95 6.21
CA PHE A 358 26.26 13.33 6.52
C PHE A 358 26.83 13.80 7.86
N SER A 359 28.06 14.29 7.82
CA SER A 359 28.73 14.82 9.00
C SER A 359 29.54 16.07 8.65
N GLY A 376 28.65 28.86 3.70
CA GLY A 376 28.37 27.54 3.17
C GLY A 376 28.65 26.43 4.17
N PRO A 377 28.05 26.51 5.36
CA PRO A 377 28.20 25.43 6.33
C PRO A 377 27.47 24.14 5.88
N ASN A 378 26.26 24.31 5.34
CA ASN A 378 25.45 23.18 4.86
C ASN A 378 25.64 22.91 3.37
N ALA A 379 26.39 23.79 2.69
CA ALA A 379 26.54 23.69 1.25
C ALA A 379 27.18 22.36 0.83
N ASN A 380 28.05 21.83 1.68
CA ASN A 380 28.71 20.57 1.37
C ASN A 380 27.76 19.40 1.58
N LEU A 381 26.81 19.57 2.50
CA LEU A 381 25.79 18.56 2.74
C LEU A 381 24.75 18.58 1.63
N VAL A 382 24.43 19.77 1.14
CA VAL A 382 23.51 19.89 0.02
C VAL A 382 24.15 19.28 -1.22
N LYS A 383 25.40 19.64 -1.50
CA LYS A 383 26.09 19.07 -2.63
C LYS A 383 26.21 17.55 -2.45
N THR A 384 26.43 17.10 -1.22
CA THR A 384 26.49 15.67 -0.92
C THR A 384 25.23 14.95 -1.36
N LEU A 385 24.08 15.51 -1.01
CA LEU A 385 22.79 14.90 -1.32
C LEU A 385 22.59 14.79 -2.83
N VAL A 386 23.12 15.75 -3.57
CA VAL A 386 22.99 15.74 -5.02
C VAL A 386 23.77 14.57 -5.60
N PHE A 387 25.00 14.36 -5.12
CA PHE A 387 25.80 13.24 -5.59
C PHE A 387 25.10 11.92 -5.28
N PHE A 388 24.53 11.79 -4.09
CA PHE A 388 23.81 10.57 -3.75
C PHE A 388 22.66 10.34 -4.72
N PHE A 389 21.89 11.39 -4.96
CA PHE A 389 20.73 11.29 -5.84
C PHE A 389 21.15 10.95 -7.27
N LEU A 390 22.25 11.54 -7.72
CA LEU A 390 22.75 11.29 -9.07
C LEU A 390 23.32 9.89 -9.23
N GLU A 391 23.82 9.31 -8.14
CA GLU A 391 24.38 7.96 -8.17
C GLU A 391 23.28 6.91 -8.06
N SER A 392 22.06 7.33 -7.72
CA SER A 392 20.93 6.43 -7.66
C SER A 392 20.37 6.15 -9.05
N GLU A 393 20.46 4.90 -9.49
CA GLU A 393 19.98 4.48 -10.80
C GLU A 393 18.55 3.90 -10.69
N LEU A 394 17.92 4.10 -9.54
CA LEU A 394 16.59 3.54 -9.27
C LEU A 394 15.47 4.58 -9.42
N HIS A 395 15.78 5.84 -9.16
CA HIS A 395 14.78 6.91 -9.22
C HIS A 395 15.28 8.10 -10.05
N GLU A 396 14.39 8.65 -10.88
CA GLU A 396 14.72 9.77 -11.74
C GLU A 396 14.18 11.10 -11.20
N HIS A 397 13.45 11.03 -10.09
CA HIS A 397 12.99 12.22 -9.38
C HIS A 397 13.30 12.06 -7.89
N ALA A 398 13.21 13.16 -7.13
CA ALA A 398 13.70 13.19 -5.76
C ALA A 398 12.60 13.15 -4.68
N ALA A 399 11.35 13.03 -5.11
CA ALA A 399 10.20 13.08 -4.18
C ALA A 399 10.30 12.07 -3.04
N TYR A 400 10.87 10.89 -3.33
CA TYR A 400 10.90 9.81 -2.36
C TYR A 400 12.19 9.73 -1.57
N LEU A 401 13.31 10.03 -2.22
CA LEU A 401 14.56 10.26 -1.50
C LEU A 401 14.35 11.30 -0.42
N VAL A 402 13.78 12.44 -0.82
CA VAL A 402 13.57 13.58 0.07
C VAL A 402 12.68 13.23 1.27
N ASP A 403 11.56 12.57 1.01
CA ASP A 403 10.63 12.21 2.09
C ASP A 403 11.30 11.32 3.14
N SER A 404 12.20 10.46 2.68
CA SER A 404 12.91 9.54 3.57
C SER A 404 13.85 10.28 4.50
N MSE A 405 14.32 11.44 4.03
CA MSE A 405 15.28 12.24 4.79
C MSE A 405 14.57 13.28 5.63
O MSE A 405 15.20 13.97 6.44
CB MSE A 405 16.23 12.93 3.82
CG MSE A 405 17.07 12.00 2.98
SE MSE A 405 18.31 10.98 4.06
CE MSE A 405 19.97 11.70 3.34
H MSE A 405 14.10 11.78 3.28
HA MSE A 405 15.80 11.66 5.36
HB2 MSE A 405 15.71 13.48 3.21
HB3 MSE A 405 16.83 13.50 4.33
HG2 MSE A 405 16.49 11.38 2.52
HG3 MSE A 405 17.58 12.51 2.34
HE1 MSE A 405 20.72 11.27 3.79
HE2 MSE A 405 20.00 11.50 2.38
HE3 MSE A 405 19.99 12.65 3.48
N TRP A 406 13.26 13.39 5.44
CA TRP A 406 12.49 14.47 6.04
C TRP A 406 12.57 14.52 7.56
N ASP A 407 12.53 13.35 8.19
CA ASP A 407 12.53 13.30 9.64
C ASP A 407 13.86 13.73 10.29
N CYS A 408 14.98 13.36 9.68
CA CYS A 408 16.29 13.55 10.31
C CYS A 408 17.11 14.74 9.80
N ALA A 409 17.06 15.01 8.50
CA ALA A 409 17.80 16.12 7.91
C ALA A 409 16.89 17.30 7.59
N THR A 410 15.88 17.50 8.44
CA THR A 410 14.88 18.54 8.20
C THR A 410 15.50 19.93 8.09
N GLU A 411 16.62 20.15 8.77
CA GLU A 411 17.32 21.42 8.73
C GLU A 411 18.09 21.62 7.42
N LEU A 412 18.70 20.55 6.92
CA LEU A 412 19.42 20.60 5.65
C LEU A 412 18.46 20.79 4.48
N LEU A 413 17.28 20.21 4.59
CA LEU A 413 16.33 20.20 3.48
C LEU A 413 15.52 21.49 3.38
N LYS A 414 15.43 22.24 4.46
CA LYS A 414 14.68 23.50 4.45
C LYS A 414 15.62 24.69 4.25
N ASP A 415 16.88 24.40 3.91
CA ASP A 415 17.88 25.44 3.72
C ASP A 415 17.79 25.99 2.28
N TRP A 416 16.70 26.68 1.99
CA TRP A 416 16.42 27.11 0.61
C TRP A 416 17.33 28.25 0.19
N GLU A 417 17.67 29.12 1.14
CA GLU A 417 18.63 30.19 0.90
C GLU A 417 19.95 29.63 0.38
N CYS A 418 20.39 28.55 1.03
CA CYS A 418 21.63 27.89 0.65
C CYS A 418 21.52 27.26 -0.73
N MSE A 419 20.48 26.46 -0.94
CA MSE A 419 20.28 25.78 -2.20
C MSE A 419 20.14 26.77 -3.35
O MSE A 419 20.64 26.56 -4.44
CB MSE A 419 19.05 24.88 -2.14
CG MSE A 419 19.30 23.52 -1.49
SE MSE A 419 17.72 22.39 -1.47
CE MSE A 419 16.59 23.47 -0.31
H MSE A 419 19.86 26.30 -0.35
HA MSE A 419 21.05 25.22 -2.38
HB2 MSE A 419 18.35 25.33 -1.63
HB3 MSE A 419 18.73 24.71 -3.05
HG2 MSE A 419 20.00 23.06 -1.98
HG3 MSE A 419 19.58 23.66 -0.57
HE1 MSE A 419 15.74 23.03 -0.20
HE2 MSE A 419 17.02 23.57 0.54
HE3 MSE A 419 16.46 24.33 -0.73
N ASN A 420 19.46 27.88 -3.08
CA ASN A 420 19.26 28.92 -4.08
C ASN A 420 20.58 29.59 -4.48
N SER A 421 21.53 29.62 -3.55
CA SER A 421 22.82 30.28 -3.79
C SER A 421 23.67 29.47 -4.76
N LEU A 422 23.71 28.16 -4.58
CA LEU A 422 24.55 27.30 -5.41
C LEU A 422 24.18 27.36 -6.90
N LEU A 423 22.91 27.62 -7.19
CA LEU A 423 22.42 27.64 -8.56
C LEU A 423 22.77 28.93 -9.30
N LEU A 424 23.14 29.97 -8.54
CA LEU A 424 23.32 31.31 -9.10
C LEU A 424 24.77 31.83 -9.13
N GLU A 425 25.44 31.83 -7.98
CA GLU A 425 26.54 32.76 -7.74
C GLU A 425 27.93 32.12 -7.56
N GLU A 426 28.42 31.47 -8.62
CA GLU A 426 29.83 31.07 -8.72
C GLU A 426 30.38 30.36 -7.48
N LEU A 434 27.56 22.49 -9.78
CA LEU A 434 28.44 23.11 -10.76
C LEU A 434 28.12 22.63 -12.18
N THR A 435 28.28 21.34 -12.43
CA THR A 435 27.95 20.78 -13.73
C THR A 435 26.44 20.80 -13.95
N ASP A 436 26.02 20.83 -15.21
CA ASP A 436 24.60 21.03 -15.52
C ASP A 436 23.74 19.81 -15.19
N ARG A 437 24.37 18.65 -15.01
CA ARG A 437 23.62 17.48 -14.54
C ARG A 437 23.33 17.63 -13.06
N GLN A 438 24.26 18.27 -12.35
CA GLN A 438 24.11 18.53 -10.93
C GLN A 438 23.16 19.70 -10.69
N GLU A 439 23.14 20.65 -11.62
CA GLU A 439 22.25 21.81 -11.50
C GLU A 439 20.78 21.41 -11.63
N SER A 440 20.50 20.50 -12.56
CA SER A 440 19.15 20.00 -12.76
C SER A 440 18.70 19.18 -11.56
N ALA A 441 19.61 18.37 -11.02
CA ALA A 441 19.30 17.52 -9.87
C ALA A 441 19.07 18.35 -8.60
N LEU A 442 19.82 19.42 -8.46
CA LEU A 442 19.64 20.31 -7.31
C LEU A 442 18.30 21.04 -7.41
N ILE A 443 17.91 21.40 -8.63
CA ILE A 443 16.62 22.03 -8.86
C ILE A 443 15.50 21.04 -8.52
N GLU A 444 15.70 19.79 -8.94
CA GLU A 444 14.76 18.71 -8.63
C GLU A 444 14.58 18.58 -7.13
N ILE A 445 15.68 18.29 -6.43
CA ILE A 445 15.65 18.16 -4.97
C ILE A 445 14.98 19.37 -4.31
N MSE A 446 15.41 20.56 -4.71
CA MSE A 446 14.89 21.81 -4.16
C MSE A 446 13.37 21.88 -4.23
O MSE A 446 12.70 22.22 -3.26
CB MSE A 446 15.49 22.99 -4.93
CG MSE A 446 15.08 24.34 -4.37
SE MSE A 446 16.29 25.77 -4.95
CE MSE A 446 15.46 26.23 -6.65
H MSE A 446 16.00 20.67 -5.33
HA MSE A 446 15.16 21.88 -3.24
HB2 MSE A 446 16.45 22.93 -4.89
HB3 MSE A 446 15.19 22.94 -5.85
HG2 MSE A 446 14.19 24.56 -4.69
HG3 MSE A 446 15.10 24.31 -3.41
HE1 MSE A 446 15.96 26.95 -7.07
HE2 MSE A 446 15.46 25.45 -7.22
HE3 MSE A 446 14.54 26.51 -6.49
N LEU A 447 12.82 21.53 -5.40
CA LEU A 447 11.38 21.58 -5.61
C LEU A 447 10.63 20.58 -4.72
N CYS A 448 11.28 19.45 -4.43
CA CYS A 448 10.65 18.41 -3.61
C CYS A 448 10.57 18.88 -2.15
N THR A 449 11.69 19.39 -1.64
CA THR A 449 11.73 19.93 -0.29
C THR A 449 10.65 21.00 -0.11
N ILE A 450 10.48 21.81 -1.15
CA ILE A 450 9.53 22.91 -1.12
C ILE A 450 8.10 22.41 -1.06
N ARG A 451 7.76 21.48 -1.96
CA ARG A 451 6.42 20.93 -2.01
C ARG A 451 6.05 20.25 -0.69
N GLN A 452 6.95 19.41 -0.20
CA GLN A 452 6.71 18.66 1.02
C GLN A 452 6.71 19.57 2.25
N ALA A 453 7.28 20.76 2.10
CA ALA A 453 7.22 21.75 3.16
C ALA A 453 5.95 22.58 3.03
N ALA A 454 5.55 22.86 1.78
CA ALA A 454 4.39 23.70 1.49
C ALA A 454 3.12 22.95 1.91
N GLU A 455 2.73 21.97 1.12
CA GLU A 455 1.74 20.98 1.54
C GLU A 455 2.43 20.07 2.55
N CYS A 456 1.70 19.62 3.57
CA CYS A 456 2.33 19.03 4.75
C CYS A 456 2.32 17.51 4.78
N HIS A 457 1.92 16.88 3.67
CA HIS A 457 1.82 15.44 3.61
C HIS A 457 2.99 14.82 2.84
N PRO A 458 3.30 13.53 3.11
CA PRO A 458 4.28 12.82 2.29
C PRO A 458 3.78 12.59 0.86
N PRO A 459 4.68 12.22 -0.06
CA PRO A 459 4.29 11.94 -1.44
C PRO A 459 3.39 10.70 -1.53
N VAL A 460 2.73 10.49 -2.66
CA VAL A 460 1.75 9.41 -2.76
C VAL A 460 2.40 8.06 -2.49
N GLY A 461 1.74 7.23 -1.68
CA GLY A 461 2.26 5.93 -1.31
C GLY A 461 3.06 5.96 -0.01
N ARG A 462 3.34 7.16 0.49
CA ARG A 462 4.08 7.32 1.75
C ARG A 462 3.17 7.83 2.86
N GLY A 463 1.93 8.16 2.52
CA GLY A 463 0.97 8.66 3.51
C GLY A 463 0.55 7.60 4.50
N THR A 464 -0.45 7.93 5.31
CA THR A 464 -0.97 7.00 6.32
C THR A 464 -2.48 6.89 6.19
N LEU A 469 -0.84 19.03 10.57
CA LEU A 469 -2.23 18.84 10.95
C LEU A 469 -2.44 19.19 12.41
N THR A 470 -1.44 18.92 13.24
CA THR A 470 -1.50 19.28 14.65
C THR A 470 -1.31 20.78 14.81
N ALA A 471 -1.42 21.27 16.04
CA ALA A 471 -1.33 22.70 16.32
C ALA A 471 -0.01 23.31 15.88
N LYS A 472 1.09 22.68 16.27
CA LYS A 472 2.43 23.25 16.06
C LYS A 472 2.93 23.04 14.63
N GLU A 473 2.33 22.10 13.91
CA GLU A 473 2.76 21.78 12.54
C GLU A 473 2.30 22.82 11.52
N LYS A 474 1.08 23.31 11.69
CA LYS A 474 0.55 24.36 10.83
C LYS A 474 1.37 25.64 11.00
N LYS A 475 1.95 25.81 12.18
CA LYS A 475 2.81 26.94 12.46
C LYS A 475 4.07 26.86 11.60
N THR A 476 4.74 25.72 11.65
CA THR A 476 5.93 25.48 10.85
C THR A 476 5.60 25.62 9.37
N GLN A 477 4.40 25.16 9.00
CA GLN A 477 3.95 25.29 7.62
C GLN A 477 3.90 26.76 7.22
N LEU A 478 3.18 27.56 7.99
CA LEU A 478 3.05 29.00 7.72
C LEU A 478 4.42 29.68 7.69
N ASP A 479 5.29 29.28 8.60
CA ASP A 479 6.68 29.76 8.61
C ASP A 479 7.36 29.37 7.29
N ASP A 480 7.14 28.13 6.86
CA ASP A 480 7.77 27.60 5.66
C ASP A 480 7.31 28.30 4.38
N ARG A 481 6.02 28.60 4.26
CA ARG A 481 5.50 29.22 3.05
C ARG A 481 6.07 30.63 2.88
N THR A 482 6.01 31.42 3.95
CA THR A 482 6.48 32.81 3.91
C THR A 482 7.97 32.88 3.63
N LYS A 483 8.73 31.94 4.16
CA LYS A 483 10.15 31.87 3.89
C LYS A 483 10.39 31.52 2.41
N ILE A 484 9.62 30.55 1.91
CA ILE A 484 9.68 30.15 0.51
C ILE A 484 9.27 31.31 -0.39
N THR A 485 8.11 31.90 -0.08
CA THR A 485 7.56 32.98 -0.89
C THR A 485 8.51 34.17 -0.97
N GLU A 486 8.95 34.64 0.20
CA GLU A 486 9.83 35.83 0.30
C GLU A 486 11.14 35.62 -0.43
N LEU A 487 11.67 34.40 -0.38
CA LEU A 487 12.95 34.09 -1.01
C LEU A 487 12.79 33.89 -2.52
N PHE A 488 11.80 33.11 -2.91
CA PHE A 488 11.66 32.70 -4.31
C PHE A 488 10.84 33.67 -5.16
N ALA A 489 10.14 34.60 -4.52
CA ALA A 489 9.48 35.66 -5.26
C ALA A 489 10.55 36.49 -5.95
N VAL A 490 11.68 36.65 -5.27
CA VAL A 490 12.81 37.44 -5.76
C VAL A 490 13.78 36.59 -6.60
N ALA A 491 13.94 35.33 -6.21
CA ALA A 491 14.96 34.47 -6.79
C ALA A 491 14.48 33.77 -8.05
N LEU A 492 13.20 33.45 -8.12
CA LEU A 492 12.67 32.68 -9.24
C LEU A 492 12.85 33.36 -10.61
N PRO A 493 12.58 34.68 -10.68
CA PRO A 493 12.78 35.35 -11.97
C PRO A 493 14.23 35.28 -12.44
N GLN A 494 15.17 35.37 -11.52
CA GLN A 494 16.58 35.24 -11.85
C GLN A 494 16.87 33.79 -12.25
N LEU A 495 16.19 32.86 -11.58
CA LEU A 495 16.40 31.44 -11.82
C LEU A 495 15.92 31.01 -13.20
N LEU A 496 14.76 31.52 -13.60
CA LEU A 496 14.24 31.23 -14.93
C LEU A 496 15.16 31.84 -15.98
N ALA A 497 15.61 33.07 -15.73
CA ALA A 497 16.52 33.76 -16.63
C ALA A 497 17.76 32.91 -16.94
N LYS A 498 18.39 32.41 -15.88
CA LYS A 498 19.62 31.63 -16.02
C LYS A 498 19.40 30.33 -16.77
N TYR A 499 18.31 29.63 -16.46
CA TYR A 499 18.11 28.26 -16.94
C TYR A 499 17.00 28.12 -17.98
N SER A 500 16.52 29.23 -18.53
CA SER A 500 15.37 29.21 -19.44
C SER A 500 15.51 28.26 -20.63
N VAL A 501 16.74 28.06 -21.11
CA VAL A 501 16.95 27.24 -22.31
C VAL A 501 16.67 25.75 -22.07
N ASP A 502 16.76 25.32 -20.82
CA ASP A 502 16.60 23.91 -20.47
C ASP A 502 15.15 23.59 -20.11
N ALA A 503 14.55 22.67 -20.85
CA ALA A 503 13.16 22.29 -20.65
C ALA A 503 12.92 21.60 -19.30
N GLU A 504 13.79 20.68 -18.93
CA GLU A 504 13.61 19.94 -17.69
C GLU A 504 13.71 20.85 -16.46
N LYS A 505 14.67 21.77 -16.49
CA LYS A 505 14.90 22.68 -15.37
C LYS A 505 13.75 23.67 -15.23
N VAL A 506 13.26 24.16 -16.36
CA VAL A 506 12.19 25.16 -16.37
C VAL A 506 10.86 24.56 -15.90
N THR A 507 10.57 23.34 -16.34
CA THR A 507 9.34 22.66 -15.93
C THR A 507 9.31 22.55 -14.42
N ASN A 508 10.48 22.34 -13.82
CA ASN A 508 10.60 22.23 -12.38
C ASN A 508 10.42 23.57 -11.68
N LEU A 509 11.20 24.57 -12.10
CA LEU A 509 11.17 25.89 -11.49
C LEU A 509 9.78 26.53 -11.57
N LEU A 510 9.03 26.19 -12.62
CA LEU A 510 7.71 26.78 -12.83
C LEU A 510 6.65 26.24 -11.87
N GLN A 511 6.95 25.13 -11.20
CA GLN A 511 6.00 24.55 -10.24
C GLN A 511 5.97 25.36 -8.95
N LEU A 512 6.93 26.27 -8.80
CA LEU A 512 7.16 26.96 -7.53
C LEU A 512 6.01 27.88 -7.09
N PRO A 513 5.64 28.88 -7.93
CA PRO A 513 4.61 29.84 -7.53
C PRO A 513 3.30 29.23 -7.03
N GLN A 514 3.08 27.95 -7.33
CA GLN A 514 1.90 27.24 -6.86
C GLN A 514 1.98 26.96 -5.35
N TYR A 515 3.13 27.27 -4.76
CA TYR A 515 3.37 27.04 -3.34
C TYR A 515 3.46 28.34 -2.54
N PHE A 516 3.28 29.48 -3.20
CA PHE A 516 3.37 30.77 -2.53
C PHE A 516 2.09 31.13 -1.81
N ASP A 517 2.24 31.73 -0.63
CA ASP A 517 1.22 32.61 -0.08
C ASP A 517 1.31 33.92 -0.85
N LEU A 518 0.36 34.15 -1.76
CA LEU A 518 0.48 35.23 -2.74
C LEU A 518 0.32 36.63 -2.13
N GLU A 519 -0.27 36.71 -0.94
CA GLU A 519 -0.41 37.98 -0.23
C GLU A 519 0.90 38.76 -0.23
N ILE A 520 1.98 38.03 -0.04
CA ILE A 520 3.30 38.60 0.19
C ILE A 520 3.80 39.42 -1.01
N TYR A 521 3.18 39.23 -2.18
CA TYR A 521 3.52 40.04 -3.33
C TYR A 521 3.02 41.48 -3.16
N THR A 522 1.97 41.64 -2.36
CA THR A 522 1.41 42.97 -2.08
C THR A 522 2.06 43.58 -0.85
N THR A 523 1.82 42.96 0.30
CA THR A 523 2.24 43.51 1.57
C THR A 523 3.77 43.58 1.67
N GLY A 524 4.44 42.72 0.92
CA GLY A 524 5.89 42.71 0.90
C GLY A 524 6.46 43.70 -0.10
N ARG A 525 5.57 44.39 -0.82
CA ARG A 525 5.98 45.38 -1.80
C ARG A 525 6.97 44.79 -2.80
N LEU A 526 6.56 43.69 -3.43
CA LEU A 526 7.43 42.89 -4.30
C LEU A 526 6.96 42.88 -5.76
N GLU A 527 6.04 43.78 -6.09
CA GLU A 527 5.38 43.76 -7.41
C GLU A 527 6.37 43.92 -8.57
N LYS A 528 7.55 44.47 -8.29
CA LYS A 528 8.56 44.63 -9.32
C LYS A 528 9.08 43.27 -9.76
N HIS A 529 9.17 42.34 -8.80
CA HIS A 529 9.66 40.99 -9.08
C HIS A 529 8.61 40.15 -9.78
N LEU A 530 7.35 40.34 -9.39
CA LEU A 530 6.24 39.67 -10.02
C LEU A 530 6.19 39.96 -11.51
N ASP A 531 6.42 41.22 -11.89
CA ASP A 531 6.46 41.59 -13.30
C ASP A 531 7.63 40.91 -14.02
N ALA A 532 8.73 40.70 -13.30
CA ALA A 532 9.90 40.03 -13.86
C ALA A 532 9.57 38.57 -14.16
N LEU A 533 8.80 37.96 -13.26
CA LEU A 533 8.36 36.58 -13.43
C LEU A 533 7.50 36.46 -14.68
N LEU A 534 6.48 37.30 -14.75
CA LEU A 534 5.54 37.27 -15.86
C LEU A 534 6.23 37.52 -17.20
N ARG A 535 7.39 38.19 -17.16
CA ARG A 535 8.19 38.42 -18.35
C ARG A 535 8.96 37.17 -18.75
N GLN A 536 9.57 36.52 -17.76
CA GLN A 536 10.37 35.33 -18.00
C GLN A 536 9.49 34.16 -18.42
N ILE A 537 8.30 34.07 -17.82
CA ILE A 537 7.34 33.05 -18.21
C ILE A 537 6.96 33.25 -19.67
N ARG A 538 6.65 34.49 -20.03
CA ARG A 538 6.26 34.82 -21.39
C ARG A 538 7.34 34.46 -22.40
N ASN A 539 8.60 34.73 -22.06
CA ASN A 539 9.70 34.43 -22.96
C ASN A 539 9.85 32.93 -23.15
N ILE A 540 9.60 32.17 -22.09
CA ILE A 540 9.67 30.71 -22.14
C ILE A 540 8.59 30.15 -23.06
N VAL A 541 7.35 30.59 -22.88
CA VAL A 541 6.23 30.13 -23.70
C VAL A 541 6.56 30.21 -25.18
N GLU A 542 7.26 31.29 -25.57
CA GLU A 542 7.45 31.59 -26.98
C GLU A 542 8.67 30.91 -27.61
N LYS A 543 9.63 30.47 -26.81
CA LYS A 543 10.80 29.77 -27.33
C LYS A 543 10.70 28.26 -27.16
N HIS A 544 9.67 27.80 -26.42
CA HIS A 544 9.50 26.38 -26.16
C HIS A 544 8.28 25.79 -26.85
N THR A 545 8.43 24.55 -27.29
CA THR A 545 7.35 23.81 -27.95
C THR A 545 7.09 22.48 -27.25
N ASP A 546 7.90 22.18 -26.24
CA ASP A 546 7.74 20.96 -25.46
C ASP A 546 6.45 21.01 -24.66
N THR A 547 5.68 19.93 -24.71
CA THR A 547 4.35 19.89 -24.13
C THR A 547 4.34 20.13 -22.62
N ASP A 548 5.31 19.58 -21.92
CA ASP A 548 5.36 19.71 -20.47
C ASP A 548 5.69 21.14 -20.04
N VAL A 549 6.64 21.76 -20.72
CA VAL A 549 7.05 23.13 -20.41
C VAL A 549 5.86 24.08 -20.51
N LEU A 550 5.06 23.91 -21.56
CA LEU A 550 3.92 24.79 -21.81
C LEU A 550 2.80 24.51 -20.81
N GLU A 551 2.66 23.25 -20.41
CA GLU A 551 1.68 22.89 -19.40
C GLU A 551 2.04 23.60 -18.10
N ALA A 552 3.34 23.64 -17.80
CA ALA A 552 3.81 24.29 -16.59
C ALA A 552 3.52 25.78 -16.62
N CYS A 553 3.83 26.42 -17.75
CA CYS A 553 3.57 27.85 -17.94
C CYS A 553 2.10 28.16 -17.73
N SER A 554 1.24 27.39 -18.38
CA SER A 554 -0.21 27.60 -18.28
C SER A 554 -0.71 27.38 -16.86
N LYS A 555 -0.33 26.26 -16.26
CA LYS A 555 -0.76 25.94 -14.89
C LYS A 555 -0.26 27.00 -13.90
N THR A 556 0.88 27.61 -14.20
CA THR A 556 1.47 28.64 -13.36
C THR A 556 0.70 29.95 -13.47
N TYR A 557 0.49 30.40 -14.71
CA TYR A 557 -0.29 31.61 -14.97
C TYR A 557 -1.68 31.54 -14.32
N HIS A 558 -2.18 30.31 -14.16
CA HIS A 558 -3.48 30.10 -13.53
C HIS A 558 -3.39 30.32 -12.03
N ALA A 559 -2.33 29.81 -11.43
CA ALA A 559 -2.11 29.98 -10.00
C ALA A 559 -2.02 31.46 -9.63
N LEU A 560 -1.31 32.23 -10.45
CA LEU A 560 -1.14 33.66 -10.21
C LEU A 560 -2.42 34.45 -10.49
N CYS A 561 -3.27 33.93 -11.35
CA CYS A 561 -4.52 34.61 -11.69
C CYS A 561 -5.67 34.20 -10.75
N ASN A 562 -5.38 34.16 -9.46
CA ASN A 562 -6.41 33.96 -8.44
C ASN A 562 -7.00 35.31 -8.08
N GLU A 563 -8.33 35.41 -8.12
CA GLU A 563 -9.01 36.69 -7.94
C GLU A 563 -9.42 36.92 -6.48
N GLU A 564 -8.77 36.24 -5.56
CA GLU A 564 -8.96 36.51 -4.14
C GLU A 564 -7.76 37.30 -3.64
N PHE A 565 -6.93 37.72 -4.58
CA PHE A 565 -5.71 38.44 -4.27
C PHE A 565 -5.59 39.73 -5.07
N THR A 566 -5.04 40.76 -4.44
CA THR A 566 -4.86 42.07 -5.05
C THR A 566 -4.08 42.00 -6.36
N ILE A 567 -3.36 40.90 -6.53
CA ILE A 567 -2.42 40.75 -7.64
C ILE A 567 -3.10 40.39 -8.97
N PHE A 568 -4.31 39.83 -8.89
CA PHE A 568 -5.06 39.36 -10.06
C PHE A 568 -4.96 40.32 -11.24
N ASN A 569 -5.34 41.57 -10.99
CA ASN A 569 -5.49 42.55 -12.06
C ASN A 569 -4.19 42.80 -12.82
N ARG A 570 -3.07 42.74 -12.11
CA ARG A 570 -1.77 42.90 -12.74
C ARG A 570 -1.49 41.73 -13.68
N VAL A 571 -1.73 40.51 -13.20
CA VAL A 571 -1.43 39.32 -13.98
C VAL A 571 -2.40 39.18 -15.14
N ASP A 572 -3.67 39.48 -14.89
CA ASP A 572 -4.70 39.34 -15.92
C ASP A 572 -4.36 40.15 -17.16
N ILE A 573 -3.71 41.30 -16.96
CA ILE A 573 -3.28 42.14 -18.08
C ILE A 573 -2.24 41.41 -18.92
N SER A 574 -1.26 40.81 -18.25
CA SER A 574 -0.19 40.10 -18.93
C SER A 574 -0.70 38.83 -19.61
N ARG A 575 -1.64 38.14 -18.97
CA ARG A 575 -2.31 36.99 -19.58
C ARG A 575 -3.04 37.45 -20.83
N SER A 576 -3.87 38.47 -20.65
CA SER A 576 -4.67 39.03 -21.74
C SER A 576 -3.81 39.56 -22.87
N GLN A 577 -2.54 39.85 -22.58
CA GLN A 577 -1.62 40.40 -23.57
C GLN A 577 -0.81 39.33 -24.29
N LEU A 578 -0.35 38.33 -23.54
CA LEU A 578 0.39 37.20 -24.12
C LEU A 578 -0.44 36.49 -25.18
N ILE A 579 -1.73 36.38 -24.93
CA ILE A 579 -2.62 35.59 -25.77
C ILE A 579 -3.08 36.37 -26.99
N ASP A 580 -3.14 37.70 -26.87
CA ASP A 580 -3.37 38.56 -28.02
C ASP A 580 -2.29 38.28 -29.06
N GLU A 581 -1.06 38.09 -28.58
CA GLU A 581 0.08 37.80 -29.46
C GLU A 581 -0.08 36.44 -30.12
N LEU A 582 -0.46 35.44 -29.34
CA LEU A 582 -0.56 34.07 -29.85
C LEU A 582 -1.68 33.92 -30.87
N ALA A 583 -2.83 34.52 -30.59
CA ALA A 583 -3.98 34.44 -31.49
C ALA A 583 -3.67 35.09 -32.83
N ASP A 584 -3.04 36.27 -32.80
CA ASP A 584 -2.69 37.00 -34.01
C ASP A 584 -1.65 36.25 -34.84
N LYS A 585 -0.64 35.69 -34.17
CA LYS A 585 0.36 34.86 -34.82
C LYS A 585 -0.31 33.65 -35.45
N PHE A 586 -1.31 33.12 -34.74
CA PHE A 586 -1.98 31.91 -35.17
C PHE A 586 -2.82 32.16 -36.42
N ASN A 587 -3.53 33.28 -36.44
CA ASN A 587 -4.39 33.64 -37.57
C ASN A 587 -3.58 33.85 -38.85
N ARG A 588 -2.40 34.45 -38.70
CA ARG A 588 -1.56 34.79 -39.84
C ARG A 588 -0.89 33.55 -40.41
N LEU A 589 -0.48 32.64 -39.52
CA LEU A 589 0.09 31.38 -39.95
C LEU A 589 -0.97 30.59 -40.71
N LEU A 590 -2.20 30.62 -40.20
CA LEU A 590 -3.31 29.87 -40.80
C LEU A 590 -3.78 30.46 -42.12
N GLU A 591 -3.30 31.66 -42.48
CA GLU A 591 -3.66 32.24 -43.76
C GLU A 591 -2.83 31.61 -44.88
N ASP A 592 -1.51 31.68 -44.76
CA ASP A 592 -0.61 31.09 -45.75
C ASP A 592 -0.77 29.57 -45.79
N PHE A 593 -1.22 28.98 -44.68
CA PHE A 593 -1.20 27.54 -44.50
C PHE A 593 -2.34 26.79 -45.20
N LEU A 594 -3.49 27.44 -45.34
CA LEU A 594 -4.68 26.77 -45.87
C LEU A 594 -4.74 26.75 -47.40
N GLN A 595 -4.37 27.86 -48.02
CA GLN A 595 -4.37 27.96 -49.48
C GLN A 595 -3.34 26.99 -50.07
N GLU A 596 -3.25 26.99 -51.41
CA GLU A 596 -2.21 26.22 -52.08
C GLU A 596 -0.84 26.57 -51.50
N GLY A 597 -0.50 27.85 -51.54
CA GLY A 597 0.75 28.36 -51.00
C GLY A 597 1.91 27.48 -51.44
N GLU A 598 2.88 27.27 -50.57
CA GLU A 598 3.92 26.27 -50.80
C GLU A 598 4.49 25.82 -49.46
N GLU A 599 4.55 24.52 -49.16
CA GLU A 599 3.94 23.45 -49.94
C GLU A 599 2.43 23.34 -49.65
N PRO A 600 2.02 23.39 -48.36
CA PRO A 600 2.78 23.51 -47.10
C PRO A 600 3.60 22.26 -46.75
N ASP A 601 4.87 22.46 -46.44
CA ASP A 601 5.81 21.36 -46.18
C ASP A 601 5.96 21.06 -44.70
N GLU A 602 6.84 20.10 -44.40
CA GLU A 602 7.14 19.68 -43.04
C GLU A 602 7.48 20.87 -42.14
N ASP A 603 8.06 21.90 -42.74
CA ASP A 603 8.53 23.08 -42.00
C ASP A 603 7.40 24.06 -41.71
N ASP A 604 6.54 24.31 -42.71
CA ASP A 604 5.38 25.18 -42.53
C ASP A 604 4.44 24.60 -41.48
N ALA A 605 4.47 23.29 -41.30
CA ALA A 605 3.60 22.62 -40.33
C ALA A 605 4.09 22.82 -38.90
N TYR A 606 5.36 22.52 -38.67
CA TYR A 606 5.99 22.69 -37.36
C TYR A 606 5.80 24.13 -36.86
N GLN A 607 5.70 25.07 -37.80
CA GLN A 607 5.38 26.46 -37.46
C GLN A 607 4.00 26.54 -36.84
N VAL A 608 3.01 25.98 -37.52
CA VAL A 608 1.63 25.99 -37.04
C VAL A 608 1.52 25.24 -35.73
N LEU A 609 1.96 23.99 -35.75
CA LEU A 609 1.91 23.11 -34.59
C LEU A 609 2.46 23.80 -33.34
N SER A 610 3.67 24.34 -33.44
CA SER A 610 4.32 25.01 -32.32
C SER A 610 3.40 26.06 -31.73
N THR A 611 2.91 26.97 -32.57
CA THR A 611 2.02 28.03 -32.10
C THR A 611 0.71 27.46 -31.58
N LEU A 612 0.20 26.43 -32.23
CA LEU A 612 -1.05 25.79 -31.81
C LEU A 612 -0.90 25.14 -30.43
N LYS A 613 0.25 24.52 -30.19
CA LYS A 613 0.55 23.92 -28.88
C LYS A 613 0.44 24.95 -27.76
N ARG A 614 1.05 26.11 -27.99
CA ARG A 614 1.07 27.16 -26.98
C ARG A 614 -0.36 27.60 -26.68
N ILE A 615 -1.18 27.70 -27.72
CA ILE A 615 -2.56 28.14 -27.56
C ILE A 615 -3.41 27.09 -26.85
N THR A 616 -3.27 25.83 -27.25
CA THR A 616 -4.05 24.75 -26.67
C THR A 616 -3.81 24.62 -25.17
N ALA A 617 -2.55 24.59 -24.77
CA ALA A 617 -2.16 24.46 -23.36
C ALA A 617 -2.82 25.53 -22.51
N PHE A 618 -2.85 26.76 -23.02
CA PHE A 618 -3.41 27.88 -22.27
C PHE A 618 -4.94 27.86 -22.24
N HIS A 619 -5.55 27.39 -23.33
CA HIS A 619 -7.00 27.37 -23.40
C HIS A 619 -7.58 26.37 -22.41
N ASN A 620 -6.80 25.36 -22.06
CA ASN A 620 -7.18 24.37 -21.06
C ASN A 620 -7.41 25.06 -19.71
N ALA A 621 -6.39 25.78 -19.24
CA ALA A 621 -6.42 26.38 -17.91
C ALA A 621 -7.14 27.73 -17.90
N HIS A 622 -7.19 28.40 -19.04
CA HIS A 622 -7.71 29.77 -19.11
C HIS A 622 -8.83 29.92 -20.13
N ASP A 623 -9.87 30.65 -19.73
CA ASP A 623 -10.98 30.98 -20.61
C ASP A 623 -10.53 31.96 -21.69
N LEU A 624 -10.44 31.47 -22.92
CA LEU A 624 -9.97 32.27 -24.04
C LEU A 624 -11.09 32.52 -25.05
N SER A 625 -12.32 32.52 -24.56
CA SER A 625 -13.47 32.73 -25.43
C SER A 625 -13.49 34.10 -26.08
N LYS A 626 -12.88 35.08 -25.42
CA LYS A 626 -12.85 36.45 -25.92
C LYS A 626 -12.11 36.49 -27.26
N TRP A 627 -11.36 35.42 -27.53
CA TRP A 627 -10.83 35.13 -28.85
C TRP A 627 -11.66 33.99 -29.42
N ASP A 628 -12.46 34.25 -30.45
CA ASP A 628 -13.29 33.20 -31.03
C ASP A 628 -12.45 32.30 -31.93
N LEU A 629 -11.72 31.35 -31.32
CA LEU A 629 -10.81 30.49 -32.06
C LEU A 629 -11.40 29.12 -32.42
N PHE A 630 -12.72 28.96 -32.28
CA PHE A 630 -13.39 27.79 -32.85
C PHE A 630 -13.26 27.86 -34.35
N ALA A 631 -13.38 29.09 -34.88
CA ALA A 631 -13.29 29.35 -36.31
C ALA A 631 -11.97 28.83 -36.86
N CYS A 632 -10.86 29.23 -36.24
CA CYS A 632 -9.53 28.86 -36.71
C CYS A 632 -9.31 27.36 -36.59
N ASN A 633 -9.84 26.77 -35.52
CA ASN A 633 -9.69 25.34 -35.26
C ASN A 633 -10.58 24.47 -36.13
N TYR A 634 -11.84 24.89 -36.30
CA TYR A 634 -12.76 24.16 -37.15
C TYR A 634 -12.24 24.13 -38.57
N LYS A 635 -11.77 25.29 -39.02
CA LYS A 635 -11.18 25.45 -40.34
C LYS A 635 -9.96 24.56 -40.53
N LEU A 636 -9.38 24.13 -39.41
CA LEU A 636 -8.16 23.34 -39.41
C LEU A 636 -8.46 21.85 -39.26
N LEU A 637 -9.64 21.52 -38.73
CA LEU A 637 -10.04 20.12 -38.58
C LEU A 637 -10.82 19.64 -39.80
N LYS A 638 -11.69 20.48 -40.34
CA LYS A 638 -12.49 20.12 -41.50
C LYS A 638 -11.61 20.07 -42.75
N THR A 639 -10.58 20.91 -42.78
CA THR A 639 -9.64 20.93 -43.89
C THR A 639 -8.75 19.70 -43.86
N GLY A 640 -8.61 19.11 -42.66
CA GLY A 640 -7.79 17.93 -42.48
C GLY A 640 -8.46 16.69 -43.04
N ILE A 641 -9.79 16.66 -42.96
CA ILE A 641 -10.57 15.54 -43.49
C ILE A 641 -10.51 15.52 -45.01
N GLU A 642 -10.81 16.65 -45.63
CA GLU A 642 -10.89 16.75 -47.09
C GLU A 642 -9.57 16.45 -47.78
N ASN A 643 -8.48 16.99 -47.24
CA ASN A 643 -7.16 16.77 -47.82
C ASN A 643 -6.66 15.37 -47.52
N GLY A 644 -7.02 14.85 -46.35
CA GLY A 644 -6.63 13.51 -45.95
C GLY A 644 -5.20 13.41 -45.46
N ASP A 645 -4.45 14.51 -45.58
CA ASP A 645 -3.07 14.56 -45.10
C ASP A 645 -2.88 15.79 -44.21
N MSE A 646 -2.93 15.55 -42.90
CA MSE A 646 -2.73 16.59 -41.90
C MSE A 646 -1.92 15.97 -40.78
O MSE A 646 -2.38 15.02 -40.16
CB MSE A 646 -4.08 17.07 -41.38
CG MSE A 646 -4.01 18.16 -40.32
SE MSE A 646 -3.35 19.87 -41.01
CE MSE A 646 -4.82 20.26 -42.23
H MSE A 646 -3.06 14.78 -42.57
HA MSE A 646 -2.26 17.35 -42.29
HB2 MSE A 646 -4.60 17.42 -42.12
HB3 MSE A 646 -4.56 16.32 -40.99
HG2 MSE A 646 -4.89 18.31 -39.95
HG3 MSE A 646 -3.40 17.88 -39.62
HE1 MSE A 646 -4.65 21.10 -42.67
HE2 MSE A 646 -4.90 19.55 -42.88
HE3 MSE A 646 -5.64 20.32 -41.72
N PRO A 647 -0.70 16.49 -40.53
CA PRO A 647 0.18 15.87 -39.54
C PRO A 647 -0.50 15.58 -38.20
N GLU A 648 -0.46 14.31 -37.80
CA GLU A 648 -0.96 13.82 -36.52
C GLU A 648 -1.01 14.86 -35.40
N GLN A 649 0.11 15.48 -35.12
CA GLN A 649 0.25 16.33 -33.93
C GLN A 649 -0.63 17.57 -34.01
N ILE A 650 -0.82 18.11 -35.21
CA ILE A 650 -1.71 19.26 -35.38
C ILE A 650 -3.15 18.83 -35.15
N VAL A 651 -3.53 17.69 -35.72
CA VAL A 651 -4.90 17.18 -35.56
C VAL A 651 -5.22 16.96 -34.08
N ILE A 652 -4.30 16.28 -33.39
CA ILE A 652 -4.46 16.03 -31.95
C ILE A 652 -4.78 17.32 -31.21
N HIS A 653 -3.95 18.33 -31.40
CA HIS A 653 -4.03 19.53 -30.59
C HIS A 653 -5.21 20.42 -30.95
N ALA A 654 -5.62 20.39 -32.22
CA ALA A 654 -6.86 21.04 -32.62
C ALA A 654 -8.01 20.38 -31.86
N LEU A 655 -8.13 19.06 -32.01
CA LEU A 655 -9.16 18.29 -31.32
C LEU A 655 -9.25 18.68 -29.86
N GLN A 656 -8.09 18.71 -29.19
CA GLN A 656 -8.02 19.20 -27.82
C GLN A 656 -8.48 20.64 -27.72
N CYS A 657 -7.94 21.49 -28.59
CA CYS A 657 -8.20 22.93 -28.50
C CYS A 657 -9.68 23.28 -28.63
N THR A 658 -10.37 22.72 -29.63
CA THR A 658 -11.80 23.03 -29.81
C THR A 658 -12.65 22.36 -28.73
N HIS A 659 -12.14 21.30 -28.13
CA HIS A 659 -12.80 20.68 -26.99
C HIS A 659 -12.91 21.71 -25.88
N TYR A 660 -11.84 22.47 -25.68
CA TYR A 660 -11.80 23.49 -24.63
C TYR A 660 -12.64 24.72 -24.99
N VAL A 661 -12.66 25.08 -26.27
CA VAL A 661 -13.48 26.21 -26.73
C VAL A 661 -14.94 25.92 -26.40
N ILE A 662 -15.40 24.73 -26.78
CA ILE A 662 -16.76 24.29 -26.47
C ILE A 662 -16.99 24.33 -24.97
N LEU A 663 -16.20 23.57 -24.23
CA LEU A 663 -16.39 23.43 -22.78
C LEU A 663 -16.41 24.78 -22.05
N TRP A 664 -15.58 25.72 -22.50
CA TRP A 664 -15.52 27.03 -21.85
C TRP A 664 -16.78 27.84 -22.08
N GLN A 665 -17.35 27.74 -23.28
CA GLN A 665 -18.60 28.41 -23.59
C GLN A 665 -19.74 27.83 -22.74
N LEU A 666 -19.66 26.54 -22.46
CA LEU A 666 -20.65 25.88 -21.61
C LEU A 666 -20.48 26.29 -20.15
N ALA A 667 -19.29 26.75 -19.80
CA ALA A 667 -19.02 27.20 -18.44
C ALA A 667 -19.81 28.46 -18.10
N LYS A 668 -19.83 29.43 -19.02
CA LYS A 668 -20.55 30.68 -18.79
C LYS A 668 -21.97 30.63 -19.35
N ILE A 669 -22.82 29.86 -18.67
CA ILE A 669 -24.24 29.75 -19.02
C ILE A 669 -25.08 29.55 -17.77
N SER A 674 -29.73 32.84 -21.44
CA SER A 674 -29.06 33.96 -20.79
C SER A 674 -27.57 33.98 -21.10
N THR A 675 -27.18 34.30 -22.33
CA THR A 675 -28.12 34.60 -23.41
C THR A 675 -28.61 33.33 -24.09
N LYS A 676 -29.58 33.48 -24.99
CA LYS A 676 -30.13 32.35 -25.72
C LYS A 676 -29.71 32.39 -27.19
N GLU A 677 -29.04 33.48 -27.55
CA GLU A 677 -28.47 33.63 -28.89
C GLU A 677 -27.09 32.98 -28.88
N ASP A 678 -26.48 32.99 -27.69
CA ASP A 678 -25.22 32.27 -27.46
C ASP A 678 -25.50 30.78 -27.27
N LEU A 679 -26.63 30.47 -26.63
CA LEU A 679 -26.96 29.09 -26.28
C LEU A 679 -27.25 28.23 -27.51
N LEU A 680 -27.88 28.82 -28.52
CA LEU A 680 -28.18 28.09 -29.74
C LEU A 680 -26.91 27.87 -30.57
N ARG A 681 -25.95 28.78 -30.44
CA ARG A 681 -24.69 28.66 -31.17
C ARG A 681 -23.79 27.60 -30.54
N LEU A 682 -23.95 27.37 -29.24
CA LEU A 682 -23.15 26.36 -28.55
C LEU A 682 -23.48 24.96 -29.06
N LYS A 683 -24.77 24.67 -29.23
CA LYS A 683 -25.17 23.37 -29.76
C LYS A 683 -24.70 23.23 -31.20
N LYS A 684 -24.72 24.34 -31.95
CA LYS A 684 -24.19 24.33 -33.31
C LYS A 684 -22.80 23.73 -33.31
N GLN A 685 -21.85 24.42 -32.67
CA GLN A 685 -20.47 23.96 -32.58
C GLN A 685 -20.35 22.54 -32.03
N MSE A 686 -21.13 22.25 -30.99
CA MSE A 686 -21.02 20.96 -30.30
C MSE A 686 -21.41 19.78 -31.19
O MSE A 686 -20.64 18.83 -31.32
CB MSE A 686 -21.89 20.97 -29.03
CG MSE A 686 -21.56 19.85 -28.06
SE MSE A 686 -22.43 18.15 -28.52
CE MSE A 686 -24.24 18.62 -28.00
H MSE A 686 -21.73 22.77 -30.66
HA MSE A 686 -20.10 20.85 -30.01
HB2 MSE A 686 -21.76 21.81 -28.57
HB3 MSE A 686 -22.82 20.87 -29.29
HG2 MSE A 686 -20.60 19.70 -28.06
HG3 MSE A 686 -21.86 20.10 -27.18
HE1 MSE A 686 -24.83 17.87 -28.16
HE2 MSE A 686 -24.25 18.85 -27.05
HE3 MSE A 686 -24.53 19.39 -28.52
N ARG A 687 -22.59 19.85 -31.79
CA ARG A 687 -23.08 18.80 -32.68
C ARG A 687 -22.09 18.54 -33.81
N VAL A 688 -21.51 19.63 -34.30
CA VAL A 688 -20.53 19.56 -35.38
C VAL A 688 -19.24 18.89 -34.91
N PHE A 689 -18.77 19.28 -33.73
CA PHE A 689 -17.51 18.77 -33.20
C PHE A 689 -17.59 17.26 -32.93
N CYS A 690 -18.76 16.79 -32.48
CA CYS A 690 -18.96 15.37 -32.27
C CYS A 690 -18.85 14.58 -33.58
N GLN A 691 -19.32 15.17 -34.67
CA GLN A 691 -19.23 14.54 -35.98
C GLN A 691 -17.79 14.48 -36.47
N ILE A 692 -17.01 15.51 -36.17
CA ILE A 692 -15.61 15.53 -36.55
C ILE A 692 -14.85 14.46 -35.78
N CYS A 693 -15.12 14.37 -34.48
CA CYS A 693 -14.48 13.38 -33.62
C CYS A 693 -14.85 11.97 -34.06
N GLN A 694 -16.04 11.84 -34.63
CA GLN A 694 -16.52 10.55 -35.12
C GLN A 694 -15.79 10.15 -36.40
N HIS A 695 -15.45 11.13 -37.23
CA HIS A 695 -14.72 10.87 -38.46
C HIS A 695 -13.26 10.49 -38.17
N TYR A 696 -12.67 11.13 -37.18
CA TYR A 696 -11.29 10.87 -36.81
C TYR A 696 -11.16 9.60 -35.98
N LEU A 697 -12.28 9.03 -35.58
CA LEU A 697 -12.27 7.80 -34.80
C LEU A 697 -11.88 6.62 -35.67
N THR A 698 -11.96 6.81 -36.99
CA THR A 698 -11.55 5.80 -37.96
C THR A 698 -10.33 6.26 -38.75
N ASN A 699 -9.70 7.33 -38.27
CA ASN A 699 -8.45 7.83 -38.84
C ASN A 699 -7.40 6.74 -38.76
N VAL A 700 -6.63 6.55 -39.84
CA VAL A 700 -5.63 5.49 -39.90
C VAL A 700 -4.57 5.60 -38.80
N ASN A 701 -4.35 6.81 -38.29
CA ASN A 701 -3.35 7.04 -37.26
C ASN A 701 -3.89 6.63 -35.89
N THR A 702 -3.15 5.76 -35.20
CA THR A 702 -3.65 5.17 -33.95
C THR A 702 -3.75 6.15 -32.77
N THR A 703 -2.70 6.93 -32.52
CA THR A 703 -2.75 7.90 -31.42
C THR A 703 -3.79 8.97 -31.69
N VAL A 704 -4.19 9.12 -32.95
CA VAL A 704 -5.24 10.06 -33.33
C VAL A 704 -6.62 9.48 -33.03
N LYS A 705 -6.82 8.20 -33.32
CA LYS A 705 -8.05 7.51 -32.97
C LYS A 705 -8.31 7.71 -31.48
N GLU A 706 -7.29 7.39 -30.68
CA GLU A 706 -7.38 7.46 -29.23
C GLU A 706 -7.73 8.87 -28.76
N GLN A 707 -7.10 9.88 -29.34
CA GLN A 707 -7.39 11.25 -28.95
C GLN A 707 -8.85 11.59 -29.22
N ALA A 708 -9.32 11.24 -30.41
CA ALA A 708 -10.70 11.51 -30.78
C ALA A 708 -11.65 10.75 -29.87
N PHE A 709 -11.26 9.53 -29.48
CA PHE A 709 -12.11 8.68 -28.64
C PHE A 709 -12.31 9.24 -27.23
N THR A 710 -11.25 9.72 -26.61
CA THR A 710 -11.31 10.17 -25.23
C THR A 710 -12.05 11.49 -25.10
N ILE A 711 -11.90 12.37 -26.08
CA ILE A 711 -12.63 13.63 -26.11
C ILE A 711 -14.11 13.33 -26.27
N LEU A 712 -14.42 12.32 -27.08
CA LEU A 712 -15.80 11.96 -27.36
C LEU A 712 -16.47 11.47 -26.08
N CYS A 713 -15.81 10.57 -25.36
CA CYS A 713 -16.34 10.03 -24.11
C CYS A 713 -16.51 11.14 -23.07
N ASP A 714 -15.70 12.18 -23.19
CA ASP A 714 -15.80 13.32 -22.28
C ASP A 714 -17.04 14.17 -22.55
N ILE A 715 -17.23 14.56 -23.81
CA ILE A 715 -18.37 15.41 -24.17
C ILE A 715 -19.68 14.67 -23.96
N LEU A 716 -19.71 13.39 -24.32
CA LEU A 716 -20.92 12.59 -24.18
C LEU A 716 -21.40 12.58 -22.73
N MSE A 717 -20.45 12.53 -21.80
CA MSE A 717 -20.80 12.55 -20.38
C MSE A 717 -21.22 13.94 -19.94
O MSE A 717 -22.13 14.10 -19.12
CB MSE A 717 -19.59 12.11 -19.54
CG MSE A 717 -19.61 10.65 -19.16
SE MSE A 717 -21.01 10.22 -17.88
CE MSE A 717 -20.40 11.32 -16.39
H MSE A 717 -19.61 12.49 -21.95
HA MSE A 717 -21.52 11.92 -20.21
HB2 MSE A 717 -18.78 12.28 -20.05
HB3 MSE A 717 -19.57 12.64 -18.72
HG2 MSE A 717 -19.74 10.12 -19.96
HG3 MSE A 717 -18.75 10.42 -18.76
HE1 MSE A 717 -21.01 11.20 -15.66
HE2 MSE A 717 -19.51 11.03 -16.14
HE3 MSE A 717 -20.39 12.24 -16.68
N ILE A 718 -20.55 14.95 -20.51
CA ILE A 718 -20.79 16.35 -20.13
C ILE A 718 -22.15 16.85 -20.63
N PHE A 719 -22.45 16.53 -21.89
CA PHE A 719 -23.72 16.92 -22.51
C PHE A 719 -24.73 15.77 -22.43
N SER A 720 -24.53 14.86 -21.49
CA SER A 720 -25.44 13.73 -21.30
C SER A 720 -26.79 14.24 -20.80
N HIS A 721 -27.67 13.32 -20.40
CA HIS A 721 -28.94 13.73 -19.82
C HIS A 721 -28.70 14.44 -18.48
N GLN A 722 -27.57 14.14 -17.84
CA GLN A 722 -27.28 14.66 -16.51
C GLN A 722 -26.94 16.14 -16.51
N ILE A 723 -26.79 16.74 -17.69
CA ILE A 723 -26.44 18.17 -17.78
C ILE A 723 -27.50 19.06 -17.13
N MSE A 724 -28.76 18.77 -17.44
CA MSE A 724 -29.90 19.55 -16.96
C MSE A 724 -30.28 19.17 -15.54
O MSE A 724 -31.02 19.89 -14.88
CB MSE A 724 -31.11 19.34 -17.88
CG MSE A 724 -31.53 17.88 -18.03
SE MSE A 724 -33.07 17.60 -19.20
CE MSE A 724 -34.44 17.46 -17.82
H MSE A 724 -28.99 18.11 -17.94
HA MSE A 724 -29.66 20.50 -16.99
HB2 MSE A 724 -31.86 19.83 -17.52
HB3 MSE A 724 -30.88 19.67 -18.76
HG2 MSE A 724 -30.79 17.36 -18.39
HG3 MSE A 724 -31.77 17.53 -17.15
HE1 MSE A 724 -34.24 16.71 -17.24
HE2 MSE A 724 -34.46 18.29 -17.31
HE3 MSE A 724 -35.31 17.32 -18.25
N SER A 725 -29.74 18.04 -15.09
CA SER A 725 -30.15 17.44 -13.82
C SER A 725 -30.01 18.37 -12.62
N GLY A 726 -28.93 19.14 -12.58
CA GLY A 726 -28.62 19.97 -11.44
C GLY A 726 -29.37 21.29 -11.38
N GLY A 727 -30.70 21.20 -11.23
CA GLY A 727 -31.55 22.38 -11.20
C GLY A 727 -31.36 23.25 -12.43
N ARG A 728 -31.34 22.63 -13.61
CA ARG A 728 -31.01 23.35 -14.83
C ARG A 728 -32.22 23.49 -15.75
N ASP A 729 -32.52 24.72 -16.15
CA ASP A 729 -33.56 24.96 -17.13
C ASP A 729 -32.91 24.96 -18.51
N MSE A 730 -31.97 25.88 -18.68
CA MSE A 730 -31.35 26.18 -19.96
C MSE A 730 -30.36 25.12 -20.43
O MSE A 730 -29.65 25.33 -21.43
CB MSE A 730 -30.64 27.53 -19.87
CG MSE A 730 -30.35 27.97 -18.44
SE MSE A 730 -29.27 29.60 -18.32
CE MSE A 730 -29.38 30.16 -20.20
HA MSE A 730 -32.05 26.26 -20.63
N LEU A 731 -30.31 23.98 -19.74
CA LEU A 731 -29.40 22.90 -20.10
C LEU A 731 -30.15 21.71 -20.72
N GLU A 732 -31.47 21.79 -20.80
CA GLU A 732 -32.26 20.76 -21.49
C GLU A 732 -32.19 20.92 -23.03
N PRO A 733 -31.94 22.14 -23.54
CA PRO A 733 -31.75 22.28 -24.99
C PRO A 733 -30.45 21.68 -25.55
N LEU A 734 -29.43 21.50 -24.69
CA LEU A 734 -28.09 21.11 -25.17
C LEU A 734 -27.84 19.61 -25.14
N VAL A 735 -28.64 18.88 -24.37
CA VAL A 735 -28.52 17.43 -24.22
C VAL A 735 -28.26 16.70 -25.52
N TYR A 736 -27.33 15.75 -25.47
CA TYR A 736 -26.92 14.97 -26.63
C TYR A 736 -27.03 13.49 -26.30
N THR A 737 -27.72 12.74 -27.16
CA THR A 737 -27.72 11.29 -27.06
C THR A 737 -27.11 10.73 -28.35
N PRO A 738 -26.08 9.88 -28.22
CA PRO A 738 -25.38 9.43 -29.44
C PRO A 738 -26.25 8.54 -30.30
N ASP A 739 -26.01 8.57 -31.61
CA ASP A 739 -26.71 7.69 -32.55
C ASP A 739 -26.40 6.25 -32.17
N SER A 740 -27.27 5.33 -32.57
CA SER A 740 -27.00 3.91 -32.40
C SER A 740 -25.73 3.55 -33.18
N SER A 741 -25.50 4.26 -34.27
CA SER A 741 -24.31 4.08 -35.09
C SER A 741 -23.07 4.45 -34.29
N LEU A 742 -23.11 5.61 -33.64
CA LEU A 742 -21.97 6.08 -32.87
C LEU A 742 -21.74 5.18 -31.65
N GLN A 743 -22.82 4.72 -31.04
CA GLN A 743 -22.70 3.82 -29.89
C GLN A 743 -21.89 2.58 -30.26
N SER A 744 -22.11 2.05 -31.46
CA SER A 744 -21.39 0.88 -31.92
C SER A 744 -19.98 1.25 -32.39
N GLU A 745 -19.83 2.47 -32.89
CA GLU A 745 -18.52 2.99 -33.28
C GLU A 745 -17.59 3.05 -32.07
N LEU A 746 -18.13 3.50 -30.94
CA LEU A 746 -17.35 3.64 -29.72
C LEU A 746 -16.98 2.27 -29.14
N LEU A 747 -17.81 1.27 -29.39
CA LEU A 747 -17.53 -0.08 -28.88
C LEU A 747 -16.49 -0.77 -29.75
N SER A 748 -16.64 -0.64 -31.07
CA SER A 748 -15.70 -1.22 -32.03
C SER A 748 -14.26 -0.80 -31.68
N PHE A 749 -14.11 0.45 -31.26
CA PHE A 749 -12.82 1.00 -30.88
C PHE A 749 -12.25 0.27 -29.66
N ILE A 750 -13.06 0.14 -28.62
CA ILE A 750 -12.66 -0.55 -27.39
C ILE A 750 -12.19 -1.97 -27.67
N LEU A 751 -12.95 -2.70 -28.48
CA LEU A 751 -12.63 -4.10 -28.78
C LEU A 751 -11.31 -4.21 -29.54
N ASP A 752 -11.11 -3.32 -30.51
CA ASP A 752 -9.87 -3.29 -31.27
C ASP A 752 -8.69 -2.83 -30.42
N HIS A 753 -8.90 -1.77 -29.62
CA HIS A 753 -7.79 -1.04 -29.01
C HIS A 753 -7.57 -1.28 -27.52
N VAL A 754 -8.47 -2.02 -26.88
CA VAL A 754 -8.30 -2.36 -25.46
C VAL A 754 -8.15 -3.86 -25.27
N PHE A 755 -8.76 -4.63 -26.17
CA PHE A 755 -8.76 -6.09 -26.06
C PHE A 755 -7.99 -6.79 -27.17
N ILE A 756 -6.68 -6.92 -26.98
CA ILE A 756 -5.80 -7.73 -27.83
C ILE A 756 -4.81 -8.47 -26.91
N GLU A 757 -4.28 -9.59 -27.40
CA GLU A 757 -3.30 -10.43 -26.69
C GLU A 757 -3.15 -10.22 -25.17
N SER A 774 7.67 1.92 -21.45
CA SER A 774 7.73 0.47 -21.62
C SER A 774 6.38 -0.10 -22.00
N LYS A 775 5.90 -1.05 -21.20
CA LYS A 775 4.58 -1.64 -21.41
C LYS A 775 3.62 -1.33 -20.26
N ILE A 776 4.15 -0.88 -19.12
CA ILE A 776 3.31 -0.28 -18.09
C ILE A 776 2.76 1.02 -18.67
N GLU A 777 3.53 1.63 -19.56
CA GLU A 777 3.09 2.81 -20.29
C GLU A 777 1.81 2.52 -21.07
N ALA A 778 1.90 1.56 -21.98
CA ALA A 778 0.80 1.21 -22.89
C ALA A 778 -0.49 0.83 -22.17
N LEU A 779 -0.35 0.17 -21.02
CA LEU A 779 -1.51 -0.31 -20.28
C LEU A 779 -2.32 0.84 -19.69
N HIS A 780 -1.61 1.79 -19.05
CA HIS A 780 -2.25 2.94 -18.41
C HIS A 780 -3.17 3.67 -19.39
N LYS A 781 -2.73 3.75 -20.64
CA LYS A 781 -3.53 4.38 -21.69
C LYS A 781 -4.83 3.60 -21.92
N ARG A 782 -4.73 2.27 -21.92
CA ARG A 782 -5.86 1.42 -22.23
C ARG A 782 -6.88 1.36 -21.09
N ARG A 783 -6.41 1.30 -19.85
CA ARG A 783 -7.33 1.33 -18.71
C ARG A 783 -8.12 2.63 -18.75
N ASN A 784 -7.45 3.71 -19.11
CA ASN A 784 -8.06 5.03 -19.16
C ASN A 784 -9.18 5.05 -20.20
N LEU A 785 -8.92 4.45 -21.35
CA LEU A 785 -9.91 4.36 -22.42
C LEU A 785 -11.10 3.51 -22.00
N LEU A 786 -10.83 2.42 -21.30
CA LEU A 786 -11.89 1.51 -20.90
C LEU A 786 -12.82 2.18 -19.90
N ALA A 787 -12.23 2.88 -18.93
CA ALA A 787 -13.03 3.57 -17.92
C ALA A 787 -13.84 4.69 -18.57
N ALA A 788 -13.31 5.28 -19.63
CA ALA A 788 -14.02 6.31 -20.36
C ALA A 788 -15.32 5.76 -20.94
N PHE A 789 -15.28 4.51 -21.40
CA PHE A 789 -16.46 3.86 -21.96
C PHE A 789 -17.40 3.34 -20.88
N CYS A 790 -16.83 2.82 -19.80
CA CYS A 790 -17.64 2.25 -18.73
C CYS A 790 -18.42 3.32 -17.98
N LYS A 791 -17.92 4.54 -17.98
CA LYS A 791 -18.65 5.65 -17.36
C LYS A 791 -19.92 5.90 -18.16
N LEU A 792 -19.82 5.77 -19.48
CA LEU A 792 -20.99 5.93 -20.35
C LEU A 792 -22.02 4.86 -20.02
N ILE A 793 -21.54 3.69 -19.60
CA ILE A 793 -22.42 2.59 -19.22
C ILE A 793 -23.09 2.85 -17.87
N VAL A 794 -22.30 3.05 -16.83
CA VAL A 794 -22.85 3.12 -15.48
C VAL A 794 -23.69 4.38 -15.24
N TYR A 795 -23.56 5.36 -16.13
CA TYR A 795 -24.40 6.55 -16.10
C TYR A 795 -25.36 6.55 -17.30
N THR A 796 -25.46 5.38 -17.93
CA THR A 796 -26.48 5.08 -18.94
C THR A 796 -26.59 6.12 -20.06
N VAL A 797 -25.44 6.53 -20.57
CA VAL A 797 -25.37 7.33 -21.79
C VAL A 797 -25.44 6.39 -22.98
N VAL A 798 -25.03 5.14 -22.75
CA VAL A 798 -24.98 4.10 -23.77
C VAL A 798 -25.77 2.91 -23.23
N GLU A 799 -26.39 2.13 -24.12
CA GLU A 799 -27.23 1.00 -23.69
C GLU A 799 -26.41 0.00 -22.88
N MSE A 800 -27.03 -0.62 -21.88
CA MSE A 800 -26.32 -1.54 -21.02
C MSE A 800 -25.94 -2.84 -21.73
O MSE A 800 -25.08 -3.59 -21.27
CB MSE A 800 -27.14 -1.86 -19.76
CG MSE A 800 -26.31 -2.49 -18.67
SE MSE A 800 -27.32 -3.06 -17.10
CE MSE A 800 -27.75 -1.33 -16.33
H MSE A 800 -27.86 -0.51 -21.69
HA MSE A 800 -25.50 -1.11 -20.72
HB2 MSE A 800 -27.53 -1.04 -19.42
HB3 MSE A 800 -27.85 -2.49 -20.01
HG2 MSE A 800 -25.86 -3.28 -19.03
HG3 MSE A 800 -25.65 -1.85 -18.37
HE1 MSE A 800 -28.26 -1.46 -15.51
HE2 MSE A 800 -26.93 -0.85 -16.12
HE3 MSE A 800 -28.28 -0.81 -16.97
N ASN A 801 -26.60 -3.11 -22.86
CA ASN A 801 -26.32 -4.31 -23.64
C ASN A 801 -24.93 -4.27 -24.28
N THR A 802 -24.34 -3.08 -24.36
CA THR A 802 -22.97 -2.94 -24.85
C THR A 802 -21.99 -3.57 -23.86
N ALA A 803 -22.36 -3.60 -22.59
CA ALA A 803 -21.49 -4.12 -21.54
C ALA A 803 -21.27 -5.63 -21.66
N ALA A 804 -22.10 -6.29 -22.46
CA ALA A 804 -21.99 -7.73 -22.65
C ALA A 804 -20.64 -8.08 -23.27
N ASP A 805 -20.20 -7.25 -24.21
CA ASP A 805 -18.91 -7.45 -24.88
C ASP A 805 -17.74 -7.12 -23.97
N ILE A 806 -18.03 -6.54 -22.80
CA ILE A 806 -17.02 -6.13 -21.83
C ILE A 806 -16.99 -7.08 -20.64
N PHE A 807 -18.16 -7.51 -20.20
CA PHE A 807 -18.26 -8.38 -19.03
C PHE A 807 -17.59 -9.73 -19.29
N LYS A 808 -17.63 -10.18 -20.55
CA LYS A 808 -17.07 -11.48 -20.90
C LYS A 808 -15.55 -11.51 -20.82
N GLN A 809 -14.93 -10.34 -20.66
CA GLN A 809 -13.47 -10.25 -20.58
C GLN A 809 -12.99 -10.10 -19.14
N TYR A 810 -13.92 -10.09 -18.19
CA TYR A 810 -13.59 -9.93 -16.77
C TYR A 810 -12.52 -10.91 -16.32
N MSE A 811 -12.42 -12.02 -17.05
CA MSE A 811 -11.55 -13.12 -16.68
C MSE A 811 -10.28 -13.15 -17.55
O MSE A 811 -9.16 -13.19 -17.04
CB MSE A 811 -12.31 -14.43 -16.86
CG MSE A 811 -11.73 -15.59 -16.10
SE MSE A 811 -11.78 -15.31 -14.19
CE MSE A 811 -12.03 -17.17 -13.69
H MSE A 811 -12.86 -12.16 -17.77
HA MSE A 811 -11.29 -13.04 -15.75
HB2 MSE A 811 -13.22 -14.30 -16.56
HB3 MSE A 811 -12.30 -14.66 -17.81
HG2 MSE A 811 -12.25 -16.39 -16.30
HG3 MSE A 811 -10.81 -15.72 -16.36
HE1 MSE A 811 -12.08 -17.23 -12.72
HE2 MSE A 811 -12.85 -17.50 -14.09
HE3 MSE A 811 -11.28 -17.69 -14.01
N LYS A 812 -10.50 -13.15 -18.86
CA LYS A 812 -9.43 -13.21 -19.85
C LYS A 812 -8.44 -12.05 -19.73
N TYR A 813 -8.90 -10.97 -19.08
CA TYR A 813 -8.08 -9.78 -18.83
C TYR A 813 -8.20 -9.35 -17.36
N TYR A 814 -8.16 -10.30 -16.44
CA TYR A 814 -8.44 -9.99 -15.03
C TYR A 814 -7.38 -9.17 -14.31
N ASN A 815 -6.13 -9.21 -14.76
CA ASN A 815 -5.08 -8.45 -14.09
C ASN A 815 -4.88 -7.07 -14.71
N ASP A 816 -5.00 -7.00 -16.04
CA ASP A 816 -4.97 -5.72 -16.74
C ASP A 816 -6.20 -4.87 -16.40
N TYR A 817 -7.38 -5.48 -16.48
CA TYR A 817 -8.64 -4.74 -16.40
C TYR A 817 -9.66 -5.26 -15.37
N GLY A 818 -9.25 -6.18 -14.50
CA GLY A 818 -10.18 -6.83 -13.58
C GLY A 818 -11.01 -5.89 -12.74
N ASP A 819 -10.35 -4.96 -12.06
CA ASP A 819 -11.02 -4.08 -11.11
C ASP A 819 -11.94 -3.07 -11.79
N ILE A 820 -11.60 -2.64 -13.01
CA ILE A 820 -12.43 -1.72 -13.76
C ILE A 820 -13.70 -2.40 -14.25
N ILE A 821 -13.55 -3.64 -14.71
CA ILE A 821 -14.70 -4.43 -15.15
C ILE A 821 -15.54 -4.84 -13.96
N LYS A 822 -14.90 -5.08 -12.81
CA LYS A 822 -15.61 -5.48 -11.61
C LYS A 822 -16.49 -4.34 -11.08
N GLU A 823 -16.03 -3.12 -11.28
CA GLU A 823 -16.77 -1.95 -10.81
C GLU A 823 -17.93 -1.63 -11.74
N THR A 824 -17.75 -1.91 -13.03
CA THR A 824 -18.81 -1.69 -14.01
C THR A 824 -19.98 -2.64 -13.74
N MSE A 825 -19.64 -3.84 -13.26
CA MSE A 825 -20.65 -4.82 -12.90
C MSE A 825 -21.43 -4.37 -11.66
O MSE A 825 -22.65 -4.48 -11.62
CB MSE A 825 -19.99 -6.19 -12.63
CG MSE A 825 -19.53 -6.89 -13.90
SE MSE A 825 -18.38 -8.42 -13.55
CE MSE A 825 -19.33 -9.20 -12.03
H MSE A 825 -18.84 -4.11 -13.14
HA MSE A 825 -21.27 -4.93 -13.64
HB2 MSE A 825 -19.21 -6.05 -12.07
HB3 MSE A 825 -20.63 -6.76 -12.18
HG2 MSE A 825 -20.31 -7.20 -14.38
HG3 MSE A 825 -19.03 -6.27 -14.44
HE1 MSE A 825 -18.86 -9.99 -11.73
HE2 MSE A 825 -19.37 -8.54 -11.32
HE3 MSE A 825 -20.23 -9.42 -12.31
N SER A 826 -20.72 -3.87 -10.66
CA SER A 826 -21.35 -3.39 -9.45
C SER A 826 -22.23 -2.16 -9.69
N LYS A 827 -21.70 -1.18 -10.41
CA LYS A 827 -22.46 0.04 -10.66
C LYS A 827 -23.66 -0.20 -11.59
N THR A 828 -23.80 -1.43 -12.08
CA THR A 828 -24.99 -1.80 -12.85
C THR A 828 -25.92 -2.66 -12.00
N ARG A 829 -25.36 -3.33 -10.99
CA ARG A 829 -26.17 -4.05 -10.03
C ARG A 829 -26.92 -3.06 -9.15
N GLN A 830 -26.19 -2.07 -8.65
CA GLN A 830 -26.74 -1.05 -7.76
C GLN A 830 -27.67 -0.08 -8.50
N ILE A 831 -27.72 -0.19 -9.82
CA ILE A 831 -28.49 0.72 -10.66
C ILE A 831 -29.75 0.02 -11.20
N ASP A 832 -29.61 -1.26 -11.49
CA ASP A 832 -30.73 -2.06 -11.97
C ASP A 832 -30.38 -3.55 -11.88
N LYS A 833 -30.77 -4.16 -10.76
CA LYS A 833 -30.43 -5.55 -10.48
C LYS A 833 -30.85 -6.52 -11.60
N ILE A 834 -31.94 -6.20 -12.30
CA ILE A 834 -32.50 -7.12 -13.29
C ILE A 834 -31.73 -7.11 -14.61
N GLN A 835 -31.64 -5.96 -15.29
CA GLN A 835 -31.01 -5.95 -16.62
C GLN A 835 -29.49 -6.15 -16.51
N CYS A 836 -28.94 -6.00 -15.31
CA CYS A 836 -27.56 -6.36 -15.09
C CYS A 836 -27.44 -7.85 -15.37
N ALA A 837 -28.20 -8.64 -14.61
CA ALA A 837 -28.21 -10.10 -14.73
C ALA A 837 -28.62 -10.55 -16.14
N LYS A 838 -29.34 -9.70 -16.86
CA LYS A 838 -29.68 -9.99 -18.24
C LYS A 838 -28.42 -9.96 -19.11
N THR A 839 -27.92 -8.75 -19.40
CA THR A 839 -26.71 -8.59 -20.20
C THR A 839 -25.59 -9.51 -19.71
N LEU A 840 -25.61 -9.78 -18.41
CA LEU A 840 -24.67 -10.68 -17.76
C LEU A 840 -24.76 -12.10 -18.34
N ILE A 841 -25.96 -12.56 -18.68
CA ILE A 841 -26.12 -13.87 -19.32
C ILE A 841 -25.80 -13.79 -20.82
N LEU A 842 -26.18 -12.67 -21.43
CA LEU A 842 -25.87 -12.41 -22.83
C LEU A 842 -24.35 -12.41 -23.07
N SER A 843 -23.58 -12.18 -22.01
CA SER A 843 -22.14 -12.30 -22.09
C SER A 843 -21.72 -13.75 -22.29
N LEU A 844 -22.23 -14.63 -21.43
CA LEU A 844 -21.95 -16.06 -21.53
C LEU A 844 -22.48 -16.62 -22.84
N GLN A 845 -23.57 -16.05 -23.34
CA GLN A 845 -24.12 -16.42 -24.64
C GLN A 845 -23.14 -16.09 -25.75
N GLN A 846 -22.52 -14.92 -25.66
CA GLN A 846 -21.63 -14.43 -26.71
C GLN A 846 -20.31 -15.21 -26.73
N LEU A 847 -19.85 -15.63 -25.55
CA LEU A 847 -18.68 -16.50 -25.47
C LEU A 847 -19.03 -17.84 -26.11
N PHE A 848 -20.27 -18.28 -25.91
CA PHE A 848 -20.72 -19.58 -26.38
C PHE A 848 -20.70 -19.64 -27.91
N ASN A 849 -21.30 -18.65 -28.55
CA ASN A 849 -21.37 -18.62 -30.02
C ASN A 849 -19.99 -18.49 -30.67
N GLU A 850 -19.03 -17.94 -29.94
CA GLU A 850 -17.66 -17.82 -30.42
C GLU A 850 -16.98 -19.18 -30.48
N MSE A 851 -17.28 -20.02 -29.49
CA MSE A 851 -16.76 -21.38 -29.44
C MSE A 851 -17.30 -22.18 -30.61
O MSE A 851 -16.58 -22.97 -31.23
CB MSE A 851 -17.16 -22.04 -28.12
CG MSE A 851 -16.87 -23.53 -28.03
SE MSE A 851 -17.25 -24.23 -26.25
CE MSE A 851 -19.12 -23.69 -26.11
H MSE A 851 -17.79 -19.82 -28.82
HA MSE A 851 -15.79 -21.35 -29.48
HB2 MSE A 851 -16.69 -21.60 -27.40
HB3 MSE A 851 -18.12 -21.92 -27.99
HG2 MSE A 851 -17.42 -24.00 -28.66
HG3 MSE A 851 -15.93 -23.67 -28.22
HE1 MSE A 851 -19.18 -22.73 -26.19
HE2 MSE A 851 -19.62 -24.11 -26.82
HE3 MSE A 851 -19.47 -23.98 -25.26
N ILE A 852 -18.59 -21.98 -30.92
CA ILE A 852 -19.23 -22.66 -32.04
C ILE A 852 -18.57 -22.31 -33.35
N GLN A 853 -18.39 -21.02 -33.61
CA GLN A 853 -17.85 -20.58 -34.89
C GLN A 853 -16.42 -21.07 -35.10
N GLU A 854 -15.72 -21.36 -34.01
CA GLU A 854 -14.31 -21.73 -34.08
C GLU A 854 -14.10 -23.25 -34.05
N ASN A 855 -15.15 -24.00 -33.76
CA ASN A 855 -15.02 -25.45 -33.64
C ASN A 855 -16.22 -26.23 -34.18
N GLY A 856 -17.38 -25.58 -34.25
CA GLY A 856 -18.58 -26.26 -34.67
C GLY A 856 -19.39 -26.69 -33.46
N TYR A 857 -20.27 -27.67 -33.64
CA TYR A 857 -21.19 -28.07 -32.58
C TYR A 857 -20.80 -29.34 -31.82
N ASN A 858 -19.50 -29.65 -31.77
CA ASN A 858 -19.06 -30.86 -31.07
C ASN A 858 -18.38 -30.56 -29.73
N PHE A 859 -18.12 -29.28 -29.50
CA PHE A 859 -17.72 -28.77 -28.19
C PHE A 859 -16.55 -29.48 -27.54
N ASP A 860 -16.80 -30.72 -27.10
CA ASP A 860 -15.95 -31.40 -26.13
C ASP A 860 -16.03 -30.62 -24.82
N ARG A 861 -17.03 -30.94 -24.01
CA ARG A 861 -17.29 -30.19 -22.78
C ARG A 861 -16.14 -30.28 -21.77
N SER A 862 -15.21 -31.18 -22.00
CA SER A 862 -14.02 -31.29 -21.16
C SER A 862 -12.95 -30.27 -21.58
N SER A 863 -13.12 -29.68 -22.75
CA SER A 863 -12.13 -28.74 -23.30
C SER A 863 -11.86 -27.56 -22.37
N SER A 864 -10.80 -26.82 -22.66
CA SER A 864 -10.42 -25.66 -21.85
C SER A 864 -11.29 -24.44 -22.20
N THR A 865 -11.69 -24.33 -23.46
CA THR A 865 -12.59 -23.26 -23.90
C THR A 865 -13.92 -23.33 -23.16
N PHE A 866 -14.52 -24.52 -23.15
CA PHE A 866 -15.82 -24.70 -22.52
C PHE A 866 -15.74 -24.63 -21.00
N SER A 867 -14.70 -25.24 -20.44
CA SER A 867 -14.46 -25.18 -18.99
C SER A 867 -14.29 -23.72 -18.55
N GLY A 868 -13.70 -22.93 -19.43
CA GLY A 868 -13.45 -21.52 -19.14
C GLY A 868 -14.71 -20.71 -18.96
N ILE A 869 -15.73 -20.97 -19.80
CA ILE A 869 -16.99 -20.24 -19.69
C ILE A 869 -17.72 -20.65 -18.40
N LYS A 870 -17.63 -21.93 -18.06
CA LYS A 870 -18.25 -22.43 -16.83
C LYS A 870 -17.62 -21.78 -15.61
N GLU A 871 -16.32 -21.55 -15.67
CA GLU A 871 -15.63 -20.93 -14.55
C GLU A 871 -16.07 -19.48 -14.40
N LEU A 872 -16.15 -18.75 -15.50
CA LEU A 872 -16.66 -17.39 -15.48
C LEU A 872 -18.12 -17.37 -15.01
N ALA A 873 -18.84 -18.43 -15.33
CA ALA A 873 -20.25 -18.55 -14.96
C ALA A 873 -20.43 -18.66 -13.45
N ARG A 874 -19.52 -19.37 -12.77
CA ARG A 874 -19.62 -19.51 -11.32
C ARG A 874 -19.38 -18.17 -10.62
N ARG A 875 -18.40 -17.40 -11.11
CA ARG A 875 -18.02 -16.15 -10.47
C ARG A 875 -19.10 -15.09 -10.67
N PHE A 876 -19.86 -15.24 -11.76
CA PHE A 876 -21.00 -14.37 -12.02
C PHE A 876 -22.12 -14.66 -11.03
N ALA A 877 -22.20 -15.91 -10.56
CA ALA A 877 -23.29 -16.33 -9.68
C ALA A 877 -23.15 -15.71 -8.30
N LEU A 878 -21.91 -15.50 -7.87
CA LEU A 878 -21.63 -14.95 -6.55
C LEU A 878 -22.00 -13.47 -6.48
N THR A 879 -22.44 -12.92 -7.60
CA THR A 879 -22.80 -11.51 -7.71
C THR A 879 -24.27 -11.33 -7.29
N PHE A 880 -24.85 -12.38 -6.73
CA PHE A 880 -26.23 -12.30 -6.25
C PHE A 880 -26.30 -12.55 -4.74
N LYS A 886 -36.54 -8.17 -7.20
CA LYS A 886 -35.29 -7.47 -6.97
C LYS A 886 -34.18 -8.44 -6.58
N THR A 887 -34.08 -8.73 -5.28
CA THR A 887 -33.04 -9.61 -4.75
C THR A 887 -33.02 -11.00 -5.41
N ARG A 888 -34.20 -11.46 -5.83
CA ARG A 888 -34.36 -12.83 -6.32
C ARG A 888 -35.23 -12.89 -7.59
N GLU A 889 -35.82 -11.76 -7.95
CA GLU A 889 -36.52 -11.63 -9.22
C GLU A 889 -35.49 -11.57 -10.35
N ALA A 890 -34.23 -11.41 -9.98
CA ALA A 890 -33.12 -11.33 -10.94
C ALA A 890 -32.70 -12.72 -11.42
N ILE A 891 -32.28 -13.58 -10.48
CA ILE A 891 -31.85 -14.93 -10.83
C ILE A 891 -32.96 -15.67 -11.54
N ALA A 892 -34.20 -15.36 -11.17
CA ALA A 892 -35.36 -15.87 -11.90
C ALA A 892 -35.22 -15.47 -13.36
N MSE A 893 -34.95 -14.19 -13.59
CA MSE A 893 -34.87 -13.65 -14.95
C MSE A 893 -33.65 -14.18 -15.70
O MSE A 893 -33.65 -14.25 -16.93
CB MSE A 893 -34.83 -12.13 -14.89
CG MSE A 893 -34.82 -11.43 -16.26
SE MSE A 893 -36.22 -12.05 -17.48
CE MSE A 893 -37.77 -11.73 -16.34
H MSE A 893 -34.83 -13.60 -12.97
HA MSE A 893 -35.67 -13.92 -15.43
HB2 MSE A 893 -35.62 -11.80 -14.42
HB3 MSE A 893 -34.03 -11.84 -14.42
HG2 MSE A 893 -34.94 -10.49 -16.13
HG3 MSE A 893 -33.97 -11.60 -16.68
HE1 MSE A 893 -38.57 -11.99 -16.82
HE2 MSE A 893 -37.69 -12.25 -15.53
HE3 MSE A 893 -37.81 -10.78 -16.11
N LEU A 894 -32.61 -14.57 -14.96
CA LEU A 894 -31.40 -15.10 -15.57
C LEU A 894 -31.61 -16.50 -16.12
N HIS A 895 -32.22 -17.37 -15.31
CA HIS A 895 -32.51 -18.73 -15.74
C HIS A 895 -33.49 -18.78 -16.90
N LYS A 896 -34.43 -17.84 -16.90
CA LYS A 896 -35.43 -17.79 -17.98
C LYS A 896 -34.78 -17.58 -19.34
N ASP A 897 -33.89 -16.61 -19.45
CA ASP A 897 -33.24 -16.31 -20.72
C ASP A 897 -32.23 -17.38 -21.13
N GLY A 898 -31.57 -17.98 -20.13
CA GLY A 898 -30.63 -19.04 -20.38
C GLY A 898 -31.34 -20.26 -20.96
N ILE A 899 -32.58 -20.47 -20.50
CA ILE A 899 -33.41 -21.56 -21.01
C ILE A 899 -33.91 -21.22 -22.42
N GLU A 900 -34.34 -19.97 -22.61
CA GLU A 900 -34.83 -19.51 -23.91
C GLU A 900 -33.73 -19.68 -24.96
N PHE A 901 -32.49 -19.37 -24.55
CA PHE A 901 -31.35 -19.42 -25.45
C PHE A 901 -30.93 -20.85 -25.73
N ALA A 902 -31.05 -21.72 -24.73
CA ALA A 902 -30.67 -23.12 -24.88
C ALA A 902 -31.51 -23.80 -25.96
N PHE A 903 -32.78 -23.42 -26.06
CA PHE A 903 -33.69 -23.99 -27.05
C PHE A 903 -34.02 -23.01 -28.16
N LYS A 904 -33.07 -22.12 -28.46
CA LYS A 904 -33.26 -21.12 -29.49
C LYS A 904 -33.40 -21.78 -30.86
N GLU A 905 -32.38 -22.51 -31.27
CA GLU A 905 -32.37 -23.15 -32.59
C GLU A 905 -32.53 -24.66 -32.47
N PRO A 906 -33.44 -25.28 -33.25
CA PRO A 906 -33.60 -26.74 -33.19
C PRO A 906 -32.58 -27.52 -34.02
N ASN A 907 -32.61 -28.85 -33.90
CA ASN A 907 -31.74 -29.75 -34.67
C ASN A 907 -32.47 -30.36 -35.87
N PRO A 908 -31.86 -30.29 -37.07
CA PRO A 908 -32.49 -30.92 -38.24
C PRO A 908 -32.60 -32.45 -38.15
N GLN A 909 -31.54 -33.13 -37.73
CA GLN A 909 -31.52 -34.59 -37.70
C GLN A 909 -30.69 -35.22 -36.57
N GLY A 910 -31.27 -36.21 -35.90
CA GLY A 910 -30.57 -36.98 -34.88
C GLY A 910 -30.27 -36.23 -33.60
N GLU A 911 -31.32 -35.81 -32.90
CA GLU A 911 -32.69 -36.04 -33.38
C GLU A 911 -33.50 -34.76 -33.26
N SER A 912 -34.54 -34.65 -34.10
CA SER A 912 -35.38 -33.47 -34.15
C SER A 912 -36.52 -33.53 -33.13
N PRO A 915 -29.78 -31.61 -28.33
CA PRO A 915 -30.00 -30.76 -29.50
C PRO A 915 -31.06 -29.68 -29.27
N LEU A 916 -30.76 -28.42 -29.58
CA LEU A 916 -29.46 -27.95 -30.07
C LEU A 916 -29.18 -26.67 -29.31
N ASN A 917 -27.93 -26.22 -29.29
CA ASN A 917 -27.50 -25.16 -28.38
C ASN A 917 -27.68 -25.61 -26.92
N LEU A 918 -27.89 -26.91 -26.74
CA LEU A 918 -28.35 -27.45 -25.47
C LEU A 918 -27.28 -27.44 -24.38
N ALA A 919 -26.02 -27.37 -24.79
CA ALA A 919 -24.90 -27.45 -23.85
C ALA A 919 -24.84 -26.26 -22.90
N PHE A 920 -25.65 -25.22 -23.15
CA PHE A 920 -25.60 -24.02 -22.34
C PHE A 920 -26.15 -24.24 -20.93
N LEU A 921 -26.82 -25.38 -20.72
CA LEU A 921 -27.44 -25.66 -19.44
C LEU A 921 -26.43 -26.08 -18.38
N ASP A 922 -25.26 -26.55 -18.82
CA ASP A 922 -24.21 -26.91 -17.87
C ASP A 922 -23.55 -25.63 -17.37
N ILE A 923 -23.60 -24.59 -18.18
CA ILE A 923 -23.17 -23.26 -17.79
C ILE A 923 -24.25 -22.63 -16.93
N LEU A 924 -25.49 -22.73 -17.40
CA LEU A 924 -26.63 -22.17 -16.68
C LEU A 924 -26.80 -22.87 -15.34
N SER A 925 -26.31 -24.10 -15.25
CA SER A 925 -26.37 -24.88 -14.01
C SER A 925 -25.55 -24.25 -12.90
N GLU A 926 -24.63 -23.36 -13.27
CA GLU A 926 -23.77 -22.70 -12.30
C GLU A 926 -24.52 -21.65 -11.48
N PHE A 927 -25.72 -21.28 -11.93
CA PHE A 927 -26.52 -20.24 -11.29
C PHE A 927 -27.67 -20.82 -10.47
N SER A 928 -28.02 -22.07 -10.71
CA SER A 928 -29.12 -22.71 -9.99
C SER A 928 -28.76 -22.95 -8.53
N SER A 929 -27.47 -22.97 -8.24
CA SER A 929 -26.96 -23.11 -6.88
C SER A 929 -27.51 -22.00 -5.99
N LYS A 930 -27.60 -20.80 -6.55
CA LYS A 930 -27.85 -19.59 -5.77
C LYS A 930 -29.30 -19.44 -5.31
N LEU A 931 -30.27 -19.70 -6.19
CA LEU A 931 -31.69 -19.49 -5.88
C LEU A 931 -32.57 -20.29 -6.84
N LEU A 932 -33.76 -20.78 -6.42
CA LEU A 932 -34.26 -20.76 -5.03
C LEU A 932 -35.44 -21.72 -4.96
N ARG A 933 -35.61 -22.39 -3.83
CA ARG A 933 -36.62 -23.44 -3.65
C ARG A 933 -38.00 -23.13 -4.25
N GLN A 934 -38.63 -22.05 -3.81
CA GLN A 934 -39.92 -21.65 -4.36
C GLN A 934 -39.79 -21.30 -5.84
N ASP A 935 -38.79 -20.49 -6.15
CA ASP A 935 -38.54 -20.02 -7.52
C ASP A 935 -37.99 -21.14 -8.41
N LYS A 936 -37.48 -22.22 -7.79
CA LYS A 936 -36.96 -23.36 -8.54
C LYS A 936 -38.11 -24.09 -9.23
N ARG A 937 -39.24 -24.19 -8.54
CA ARG A 937 -40.44 -24.76 -9.12
C ARG A 937 -40.83 -23.92 -10.33
N THR A 938 -40.83 -22.61 -10.15
CA THR A 938 -41.21 -21.66 -11.19
C THR A 938 -40.29 -21.78 -12.41
N VAL A 939 -39.01 -22.02 -12.17
CA VAL A 939 -38.03 -22.21 -13.25
C VAL A 939 -38.30 -23.51 -13.99
N TYR A 940 -38.54 -24.57 -13.22
CA TYR A 940 -38.80 -25.88 -13.79
C TYR A 940 -40.08 -25.82 -14.63
N VAL A 941 -41.09 -25.14 -14.12
CA VAL A 941 -42.33 -24.94 -14.86
C VAL A 941 -42.07 -24.24 -16.19
N TYR A 942 -41.11 -23.33 -16.20
CA TYR A 942 -40.78 -22.61 -17.42
C TYR A 942 -39.91 -23.48 -18.33
N LEU A 943 -39.18 -24.41 -17.73
CA LEU A 943 -38.32 -25.32 -18.49
C LEU A 943 -39.16 -26.34 -19.27
N GLU A 944 -40.20 -26.85 -18.62
CA GLU A 944 -41.06 -27.88 -19.23
C GLU A 944 -41.89 -27.35 -20.38
N LYS A 945 -41.94 -26.02 -20.53
CA LYS A 945 -42.56 -25.41 -21.70
C LYS A 945 -41.72 -25.68 -22.95
N PHE A 946 -40.49 -26.12 -22.73
CA PHE A 946 -39.52 -26.30 -23.81
C PHE A 946 -39.16 -27.77 -24.00
N MSE A 947 -39.00 -28.50 -22.90
CA MSE A 947 -38.63 -29.90 -22.98
C MSE A 947 -39.86 -30.79 -22.99
O MSE A 947 -40.90 -30.44 -22.41
CB MSE A 947 -37.70 -30.28 -21.82
CG MSE A 947 -38.35 -30.23 -20.44
SE MSE A 947 -37.22 -31.05 -19.07
CE MSE A 947 -36.81 -32.73 -19.97
H MSE A 947 -39.09 -28.20 -22.11
HA MSE A 947 -38.13 -30.04 -23.80
HB2 MSE A 947 -37.39 -31.19 -21.96
HB3 MSE A 947 -36.96 -29.67 -21.81
HG2 MSE A 947 -38.51 -29.31 -20.20
HG3 MSE A 947 -39.19 -30.71 -20.47
HE1 MSE A 947 -36.24 -33.26 -19.39
HE2 MSE A 947 -37.64 -33.21 -20.15
HE3 MSE A 947 -36.36 -32.55 -20.80
N THR A 948 -39.75 -31.95 -23.64
CA THR A 948 -40.87 -32.87 -23.80
C THR A 948 -40.63 -34.16 -23.01
N PHE A 949 -41.57 -35.09 -23.11
CA PHE A 949 -41.52 -36.32 -22.31
C PHE A 949 -40.40 -37.26 -22.75
N GLN A 950 -40.34 -37.57 -24.04
CA GLN A 950 -39.29 -38.43 -24.57
C GLN A 950 -37.94 -37.71 -24.50
N MSE A 951 -37.99 -36.42 -24.21
CA MSE A 951 -36.78 -35.66 -23.92
C MSE A 951 -36.38 -35.92 -22.46
O MSE A 951 -35.24 -36.27 -22.17
CB MSE A 951 -37.03 -34.16 -24.14
CG MSE A 951 -35.79 -33.37 -24.47
SE MSE A 951 -36.18 -31.70 -25.40
CE MSE A 951 -36.13 -32.36 -27.24
H MSE A 951 -38.71 -35.95 -24.19
HA MSE A 951 -36.07 -35.94 -24.51
HB2 MSE A 951 -37.66 -34.06 -24.88
HB3 MSE A 951 -37.41 -33.79 -23.32
HG2 MSE A 951 -35.32 -33.14 -23.65
HG3 MSE A 951 -35.21 -33.91 -25.04
HE1 MSE A 951 -36.31 -31.62 -27.85
HE2 MSE A 951 -35.25 -32.73 -27.42
HE3 MSE A 951 -36.81 -33.05 -27.34
N SER A 952 -37.35 -35.76 -21.56
CA SER A 952 -37.16 -35.99 -20.13
C SER A 952 -36.70 -37.40 -19.83
N LEU A 953 -37.20 -38.36 -20.59
CA LEU A 953 -37.14 -39.76 -20.20
C LEU A 953 -35.83 -40.44 -20.58
N ARG A 954 -35.32 -40.14 -21.76
CA ARG A 954 -34.07 -40.78 -22.21
C ARG A 954 -32.88 -40.08 -21.58
N ARG A 955 -31.91 -40.88 -21.13
CA ARG A 955 -30.73 -40.37 -20.44
C ARG A 955 -29.46 -41.06 -20.95
N GLU A 956 -28.76 -40.40 -21.88
CA GLU A 956 -27.50 -40.93 -22.39
C GLU A 956 -26.68 -39.82 -23.04
N VAL A 958 -24.50 -36.85 -23.19
CA VAL A 958 -24.85 -36.35 -24.52
C VAL A 958 -26.12 -35.50 -24.43
N TRP A 959 -27.10 -35.99 -23.68
CA TRP A 959 -28.23 -35.17 -23.24
C TRP A 959 -27.98 -34.83 -21.77
N LEU A 960 -26.75 -35.08 -21.32
CA LEU A 960 -26.37 -34.90 -19.92
C LEU A 960 -26.49 -33.46 -19.38
N PRO A 961 -26.29 -32.44 -20.22
CA PRO A 961 -26.47 -31.06 -19.72
C PRO A 961 -27.85 -30.84 -19.11
N LEU A 962 -28.87 -31.39 -19.77
CA LEU A 962 -30.26 -31.18 -19.37
C LEU A 962 -30.59 -31.90 -18.07
N MSE A 963 -30.08 -33.11 -17.90
CA MSE A 963 -30.28 -33.87 -16.67
C MSE A 963 -29.59 -33.17 -15.51
O MSE A 963 -30.18 -33.01 -14.44
CB MSE A 963 -29.72 -35.28 -16.81
CG MSE A 963 -30.28 -36.07 -17.97
SE MSE A 963 -29.13 -37.58 -18.39
CE MSE A 963 -28.96 -38.35 -16.61
H MSE A 963 -29.60 -33.52 -18.49
HA MSE A 963 -31.23 -33.94 -16.49
HB2 MSE A 963 -28.76 -35.20 -16.95
HB3 MSE A 963 -29.90 -35.77 -16.00
HG2 MSE A 963 -31.16 -36.40 -17.73
HG3 MSE A 963 -30.34 -35.49 -18.75
HE1 MSE A 963 -28.41 -39.14 -16.66
HE2 MSE A 963 -28.56 -37.70 -16.01
HE3 MSE A 963 -29.85 -38.60 -16.29
N SER A 964 -28.35 -32.77 -15.72
CA SER A 964 -27.55 -32.12 -14.70
C SER A 964 -28.21 -30.85 -14.19
N TYR A 965 -28.74 -30.05 -15.12
CA TYR A 965 -29.46 -28.83 -14.78
C TYR A 965 -30.71 -29.17 -13.95
N ARG A 966 -31.27 -30.36 -14.20
CA ARG A 966 -32.51 -30.76 -13.55
C ARG A 966 -32.31 -31.27 -12.12
N ASN A 967 -31.21 -31.97 -11.88
CA ASN A 967 -30.87 -32.43 -10.53
C ASN A 967 -30.81 -31.25 -9.55
N SER A 968 -30.31 -30.12 -10.05
CA SER A 968 -30.06 -28.95 -9.22
C SER A 968 -31.34 -28.16 -8.95
N LEU A 969 -32.43 -28.55 -9.60
CA LEU A 969 -33.70 -27.85 -9.42
C LEU A 969 -34.68 -28.66 -8.57
N LYS B 41 -15.54 -35.09 21.04
CA LYS B 41 -14.10 -34.89 20.89
C LYS B 41 -13.67 -33.54 21.44
N ARG B 42 -12.64 -33.57 22.28
CA ARG B 42 -12.21 -32.41 23.07
C ARG B 42 -11.81 -31.22 22.21
N LYS B 43 -12.25 -30.03 22.62
CA LYS B 43 -11.90 -28.79 21.93
C LYS B 43 -10.50 -28.34 22.36
N LEU B 44 -9.94 -29.04 23.34
CA LEU B 44 -8.61 -28.76 23.86
C LEU B 44 -7.56 -28.96 22.76
N ILE B 45 -6.64 -28.00 22.63
CA ILE B 45 -5.60 -28.09 21.61
C ILE B 45 -4.43 -28.96 22.08
N VAL B 46 -4.25 -30.11 21.44
CA VAL B 46 -3.15 -31.02 21.75
C VAL B 46 -2.25 -31.16 20.53
N ASP B 47 -0.94 -31.00 20.74
CA ASP B 47 0.02 -31.04 19.64
C ASP B 47 0.65 -32.42 19.54
N SER B 48 0.66 -32.97 18.32
CA SER B 48 1.28 -34.27 18.09
C SER B 48 2.79 -34.11 18.05
N VAL B 49 3.23 -33.00 17.45
CA VAL B 49 4.65 -32.68 17.30
C VAL B 49 4.95 -31.37 18.00
N LYS B 50 5.83 -31.42 18.98
CA LYS B 50 6.09 -30.26 19.84
C LYS B 50 7.33 -29.47 19.42
N GLU B 51 8.26 -30.13 18.73
CA GLU B 51 9.55 -29.54 18.40
C GLU B 51 9.87 -29.66 16.91
N LEU B 52 10.53 -28.64 16.38
CA LEU B 52 11.18 -28.75 15.08
C LEU B 52 12.45 -29.58 15.30
N ASP B 53 12.69 -30.57 14.45
CA ASP B 53 13.87 -31.41 14.65
C ASP B 53 15.13 -30.65 14.25
N SER B 54 16.29 -31.18 14.64
CA SER B 54 17.56 -30.48 14.45
C SER B 54 17.93 -30.33 12.98
N LYS B 55 17.55 -31.31 12.16
CA LYS B 55 17.87 -31.30 10.74
C LYS B 55 17.19 -30.14 10.01
N THR B 56 15.94 -29.85 10.34
CA THR B 56 15.23 -28.77 9.64
C THR B 56 15.77 -27.41 10.05
N ILE B 57 16.37 -27.31 11.23
CA ILE B 57 17.01 -26.06 11.63
C ILE B 57 18.25 -25.87 10.78
N ARG B 58 18.99 -26.95 10.56
CA ARG B 58 20.15 -26.91 9.69
C ARG B 58 19.76 -26.46 8.29
N ALA B 59 18.58 -26.88 7.85
CA ALA B 59 18.09 -26.50 6.52
C ALA B 59 17.68 -25.03 6.47
N GLN B 60 17.11 -24.54 7.57
CA GLN B 60 16.68 -23.15 7.65
C GLN B 60 17.84 -22.17 7.51
N LEU B 61 19.01 -22.56 8.02
CA LEU B 61 20.20 -21.73 7.90
C LEU B 61 20.70 -21.73 6.47
N SER B 62 20.50 -22.86 5.80
CA SER B 62 21.06 -23.07 4.47
C SER B 62 20.30 -22.32 3.38
N ASP B 63 19.02 -22.03 3.61
CA ASP B 63 18.17 -21.44 2.58
C ASP B 63 17.04 -20.59 3.17
N TYR B 64 17.17 -19.27 3.05
CA TYR B 64 16.14 -18.33 3.53
C TYR B 64 15.51 -17.54 2.39
N SER B 65 15.66 -18.04 1.16
CA SER B 65 15.15 -17.34 -0.03
C SER B 65 13.63 -17.15 -0.02
N ASP B 66 12.94 -17.93 0.80
CA ASP B 66 11.48 -17.91 0.83
C ASP B 66 10.93 -16.92 1.86
N ILE B 67 11.82 -16.38 2.68
CA ILE B 67 11.44 -15.35 3.66
C ILE B 67 12.20 -14.05 3.38
N VAL B 68 12.74 -13.94 2.18
CA VAL B 68 13.39 -12.74 1.68
C VAL B 68 12.71 -12.38 0.36
N THR B 69 12.80 -11.14 -0.08
CA THR B 69 12.15 -10.73 -1.32
C THR B 69 12.91 -9.64 -2.05
N THR B 70 12.35 -9.20 -3.16
CA THR B 70 12.92 -8.13 -3.96
C THR B 70 12.43 -6.78 -3.44
N LEU B 71 13.15 -5.73 -3.80
CA LEU B 71 12.83 -4.39 -3.34
C LEU B 71 11.61 -3.84 -4.08
N ASP B 72 10.57 -3.48 -3.33
CA ASP B 72 9.38 -2.87 -3.91
C ASP B 72 9.54 -1.35 -3.91
N LEU B 73 9.69 -0.78 -5.10
CA LEU B 73 9.93 0.66 -5.25
C LEU B 73 8.65 1.48 -5.21
N ALA B 74 8.78 2.71 -4.74
CA ALA B 74 7.76 3.72 -4.96
C ALA B 74 7.89 4.16 -6.42
N PRO B 75 6.87 4.85 -6.96
CA PRO B 75 6.91 5.40 -8.33
C PRO B 75 8.25 6.06 -8.69
N PRO B 76 9.00 5.49 -9.66
CA PRO B 76 10.36 5.95 -9.97
C PRO B 76 10.44 7.16 -10.90
N THR B 77 9.30 7.66 -11.37
CA THR B 77 9.27 8.82 -12.26
C THR B 77 8.12 9.72 -11.84
N LYS B 78 8.14 10.96 -12.34
CA LYS B 78 7.06 11.90 -12.06
C LYS B 78 5.75 11.40 -12.68
N LYS B 79 5.84 10.89 -13.89
CA LYS B 79 4.67 10.40 -14.61
C LYS B 79 4.03 9.24 -13.85
N LEU B 80 4.85 8.30 -13.40
CA LEU B 80 4.36 7.12 -12.69
C LEU B 80 3.86 7.49 -11.30
N MSE B 81 4.46 8.53 -10.72
CA MSE B 81 4.02 9.01 -9.43
C MSE B 81 2.64 9.64 -9.53
O MSE B 81 1.80 9.47 -8.65
CB MSE B 81 5.01 10.03 -8.87
CG MSE B 81 4.72 10.40 -7.44
SE MSE B 81 5.83 11.87 -6.80
CE MSE B 81 4.76 12.50 -5.30
H MSE B 81 5.12 8.97 -11.06
HA MSE B 81 3.98 8.27 -8.80
HB2 MSE B 81 5.90 9.66 -8.90
HB3 MSE B 81 4.96 10.84 -9.41
HG2 MSE B 81 3.79 10.68 -7.37
HG3 MSE B 81 4.88 9.63 -6.87
HE1 MSE B 81 5.20 13.25 -4.88
HE2 MSE B 81 3.88 12.78 -5.64
HE3 MSE B 81 4.64 11.78 -4.67
N MSE B 82 2.41 10.38 -10.61
CA MSE B 82 1.12 11.03 -10.82
C MSE B 82 0.06 9.97 -11.11
O MSE B 82 -1.08 10.09 -10.65
CB MSE B 82 1.22 12.03 -11.98
CG MSE B 82 -0.04 12.86 -12.20
SE MSE B 82 -0.71 12.82 -14.03
CE MSE B 82 0.51 14.10 -14.86
H MSE B 82 2.98 10.52 -11.24
HA MSE B 82 0.88 11.52 -10.02
HB2 MSE B 82 1.95 12.65 -11.80
HB3 MSE B 82 1.40 11.54 -12.80
HG2 MSE B 82 -0.74 12.50 -11.62
HG3 MSE B 82 0.15 13.78 -11.97
HE1 MSE B 82 0.30 14.19 -15.80
HE2 MSE B 82 0.42 14.95 -14.41
HE3 MSE B 82 1.43 13.77 -14.76
N TRP B 83 0.45 8.93 -11.83
CA TRP B 83 -0.46 7.82 -12.14
C TRP B 83 -0.97 7.15 -10.87
N LYS B 84 -0.04 6.79 -9.98
CA LYS B 84 -0.40 6.18 -8.70
C LYS B 84 -1.34 7.07 -7.88
N GLU B 85 -1.13 8.38 -7.96
CA GLU B 85 -1.98 9.34 -7.25
C GLU B 85 -3.39 9.35 -7.84
N THR B 86 -3.46 9.25 -9.16
CA THR B 86 -4.71 9.46 -9.89
C THR B 86 -5.24 8.16 -10.50
N GLY B 87 -4.73 7.04 -10.01
CA GLY B 87 -5.14 5.72 -10.49
C GLY B 87 -6.09 5.05 -9.52
N GLY B 88 -6.60 3.90 -9.94
CA GLY B 88 -7.58 3.16 -9.16
C GLY B 88 -8.97 3.35 -9.73
N VAL B 89 -9.87 2.42 -9.43
CA VAL B 89 -11.20 2.46 -10.02
C VAL B 89 -11.97 3.69 -9.57
N GLU B 90 -11.78 4.07 -8.31
CA GLU B 90 -12.49 5.21 -7.74
C GLU B 90 -12.17 6.51 -8.47
N LYS B 91 -10.88 6.84 -8.54
CA LYS B 91 -10.44 8.07 -9.20
C LYS B 91 -10.77 8.07 -10.69
N LEU B 92 -10.66 6.90 -11.32
CA LEU B 92 -10.88 6.78 -12.77
C LEU B 92 -12.33 7.06 -13.17
N PHE B 93 -13.28 6.54 -12.40
CA PHE B 93 -14.70 6.74 -12.70
C PHE B 93 -15.20 8.14 -12.34
N SER B 94 -14.33 8.95 -11.73
CA SER B 94 -14.72 10.27 -11.22
C SER B 94 -13.92 11.42 -11.83
N LEU B 95 -13.18 11.13 -12.91
CA LEU B 95 -12.42 12.17 -13.61
C LEU B 95 -12.54 12.02 -15.13
N PRO B 96 -12.33 13.12 -15.88
CA PRO B 96 -12.40 13.05 -17.34
C PRO B 96 -11.27 12.19 -17.92
N ALA B 97 -11.44 11.75 -19.16
CA ALA B 97 -10.41 10.98 -19.84
C ALA B 97 -9.37 11.94 -20.44
N GLN B 98 -9.83 13.15 -20.76
CA GLN B 98 -8.95 14.25 -21.18
C GLN B 98 -8.84 15.22 -20.01
N PRO B 99 -7.71 15.17 -19.27
CA PRO B 99 -7.57 15.95 -18.02
C PRO B 99 -7.89 17.44 -18.16
N LEU B 100 -8.59 17.97 -17.16
CA LEU B 100 -8.99 19.37 -17.14
C LEU B 100 -8.31 20.09 -15.98
N TRP B 101 -7.50 21.09 -16.32
CA TRP B 101 -6.63 21.74 -15.34
C TRP B 101 -7.36 22.80 -14.51
N ASN B 102 -8.49 23.28 -15.02
CA ASN B 102 -9.28 24.29 -14.34
C ASN B 102 -10.52 23.68 -13.69
N ASN B 103 -10.76 23.99 -12.42
CA ASN B 103 -11.91 23.44 -11.71
C ASN B 103 -13.23 23.94 -12.29
N ARG B 104 -13.20 25.10 -12.93
CA ARG B 104 -14.38 25.62 -13.61
C ARG B 104 -14.83 24.63 -14.66
N LEU B 105 -13.88 24.01 -15.34
CA LEU B 105 -14.17 23.03 -16.37
C LEU B 105 -14.35 21.63 -15.79
N LEU B 106 -13.59 21.29 -14.76
CA LEU B 106 -13.70 19.97 -14.17
C LEU B 106 -15.09 19.75 -13.58
N LYS B 107 -15.69 20.81 -13.04
CA LYS B 107 -16.99 20.64 -12.41
C LYS B 107 -18.02 20.23 -13.46
N LEU B 108 -17.94 20.82 -14.66
CA LEU B 108 -18.87 20.51 -15.75
C LEU B 108 -18.97 19.00 -15.99
N PHE B 109 -17.89 18.28 -15.69
CA PHE B 109 -17.84 16.84 -15.83
C PHE B 109 -18.35 16.14 -14.58
N THR B 110 -17.79 16.51 -13.43
CA THR B 110 -18.16 15.90 -12.16
C THR B 110 -19.60 16.20 -11.76
N ARG B 111 -20.16 17.24 -12.37
CA ARG B 111 -21.56 17.63 -12.18
C ARG B 111 -22.50 16.48 -12.55
N CYS B 112 -22.07 15.66 -13.51
CA CYS B 112 -22.90 14.65 -14.14
C CYS B 112 -22.67 13.22 -13.58
N LEU B 113 -22.18 13.13 -12.35
CA LEU B 113 -21.66 11.85 -11.81
C LEU B 113 -22.54 11.16 -10.76
N THR B 114 -23.86 11.20 -10.91
CA THR B 114 -24.73 10.29 -10.16
C THR B 114 -26.09 10.15 -10.87
N PRO B 115 -26.48 8.90 -11.19
CA PRO B 115 -27.60 8.65 -12.11
C PRO B 115 -28.96 9.00 -11.51
O1 MES C . 22.35 -26.85 13.72
C2 MES C . 22.07 -25.93 14.77
C3 MES C . 20.89 -26.37 15.63
N4 MES C . 21.17 -27.68 16.20
C5 MES C . 22.20 -28.44 15.53
C6 MES C . 21.97 -28.19 14.04
C7 MES C . 21.20 -27.74 17.66
C8 MES C . 19.78 -28.03 18.13
S MES C . 19.58 -27.42 19.68
O1S MES C . 18.35 -27.96 20.30
O2S MES C . 19.48 -25.94 19.60
O3S MES C . 20.75 -27.80 20.51
H21 MES C . 22.96 -25.85 15.41
H22 MES C . 21.87 -24.94 14.35
H31 MES C . 19.97 -26.40 15.04
H32 MES C . 20.74 -25.64 16.43
HN4 MES C . 20.33 -28.20 15.99
H51 MES C . 23.20 -28.11 15.83
H52 MES C . 22.10 -29.51 15.75
H61 MES C . 22.56 -28.90 13.45
H62 MES C . 20.92 -28.35 13.80
H71 MES C . 21.87 -28.53 17.99
H72 MES C . 21.54 -26.79 18.07
H81 MES C . 19.05 -27.57 17.46
H82 MES C . 19.60 -29.11 18.15
#